data_8XTZ
#
_entry.id   8XTZ
#
_cell.length_a   46.653
_cell.length_b   61.769
_cell.length_c   75.693
_cell.angle_alpha   74.62
_cell.angle_beta   81.82
_cell.angle_gamma   77.04
#
_symmetry.space_group_name_H-M   'P 1'
#
loop_
_entity.id
_entity.type
_entity.pdbx_description
1 polymer 'Putative epoxidase LasC'
2 non-polymer 'DIMETHYL SULFOXIDE'
3 non-polymer (4R,5S)-4-methyl-5-phenyl-3-((2R,3S,4S,6E,10E)-2,6,10-triethyl-3-hydroxy-4-methyldodeca-6,10-dienoyl)oxazolidin-2-one
4 non-polymer 'FLAVIN-ADENINE DINUCLEOTIDE'
5 non-polymer 'CHLORIDE ION'
6 water water
#
_entity_poly.entity_id   1
_entity_poly.type   'polypeptide(L)'
_entity_poly.pdbx_seq_one_letter_code
;MNHKVHHHHHHIEGRHMTNTRSAVVLGGGMAGMLVSSMLARHVGSVTVIDRDAFPAGPDLRKGVPQARHAHILWSGGARI
VEELLPGTTDRLLGAGAHRIGIPDGQVSYTAYGWQHRFPEAQFMIACSRALLDWTVREETLREERIALVEKTEVLALLGD
AGRVTGVRVRDQESGEEREVPADLVVDTTGRGSPSKRLLAELGLPAPEEEFVDSGMVYATRLFRAPEAAATNFPLVSVHA
DHRAGRPGCNAVLMPIEDGRWIVTVSGTRGGEPPADDEGFARFARDGVRHPLVGELIA(ELY)AQPLTSVERSRSTVNRR
LHYDRLATWPEGLVVLGDAVAAFNPVYGHGMSAAAHSVLALRSQLGQRAFQPGLARAAQRAIAVAVDDAWVLATSHDIGY
PGCRTQTRDPRLTRHAGERQRVTDLVGLTATRNQVVNRAAVALNTLSAGMASMQDPAVMAAVRRGPEVPAPTEPPLRPDE
VARLVSGAGVTA
;
_entity_poly.pdbx_strand_id   A,B
#
# COMPACT_ATOMS: atom_id res chain seq x y z
N THR A 20 -36.34 17.00 -4.22
CA THR A 20 -36.39 17.86 -5.40
C THR A 20 -35.05 18.57 -5.62
N ARG A 21 -34.82 19.02 -6.86
CA ARG A 21 -33.58 19.66 -7.29
C ARG A 21 -32.40 18.71 -7.25
N SER A 22 -31.37 19.00 -8.04
CA SER A 22 -30.19 18.13 -8.12
C SER A 22 -28.93 18.99 -8.09
N ALA A 23 -27.88 18.44 -7.53
CA ALA A 23 -26.58 19.10 -7.46
C ALA A 23 -25.53 18.20 -8.09
N VAL A 24 -24.55 18.82 -8.74
CA VAL A 24 -23.38 18.11 -9.20
C VAL A 24 -22.16 18.73 -8.52
N VAL A 25 -21.31 17.87 -7.98
CA VAL A 25 -20.08 18.27 -7.30
C VAL A 25 -18.91 17.74 -8.11
N LEU A 26 -17.99 18.62 -8.48
CA LEU A 26 -16.80 18.23 -9.24
C LEU A 26 -15.65 17.99 -8.27
N GLY A 27 -15.18 16.74 -8.19
CA GLY A 27 -14.10 16.36 -7.28
C GLY A 27 -14.63 15.79 -5.98
N GLY A 28 -14.21 14.56 -5.65
CA GLY A 28 -14.69 13.86 -4.48
C GLY A 28 -13.64 13.75 -3.38
N GLY A 29 -12.84 14.80 -3.22
CA GLY A 29 -11.86 14.89 -2.14
C GLY A 29 -12.51 15.41 -0.88
N MET A 30 -11.73 16.10 -0.05
CA MET A 30 -12.27 16.56 1.23
C MET A 30 -13.42 17.55 1.03
N ALA A 31 -13.20 18.61 0.27
CA ALA A 31 -14.25 19.62 0.10
C ALA A 31 -15.47 19.03 -0.63
N GLY A 32 -15.25 18.16 -1.61
CA GLY A 32 -16.38 17.58 -2.32
C GLY A 32 -17.23 16.70 -1.42
N MET A 33 -16.60 15.90 -0.59
CA MET A 33 -17.37 15.04 0.31
C MET A 33 -18.13 15.86 1.35
N LEU A 34 -17.45 16.83 1.96
CA LEU A 34 -18.13 17.68 2.93
C LEU A 34 -19.28 18.44 2.27
N VAL A 35 -19.06 19.00 1.09
CA VAL A 35 -20.13 19.78 0.47
C VAL A 35 -21.26 18.87 0.02
N SER A 36 -20.95 17.65 -0.42
CA SER A 36 -22.01 16.72 -0.84
C SER A 36 -22.87 16.29 0.35
N SER A 37 -22.23 15.98 1.48
CA SER A 37 -22.99 15.65 2.70
C SER A 37 -23.95 16.77 3.07
N MET A 38 -23.50 18.02 2.99
CA MET A 38 -24.35 19.16 3.29
C MET A 38 -25.45 19.30 2.26
N LEU A 39 -25.08 19.23 0.98
CA LEU A 39 -26.07 19.48 -0.08
C LEU A 39 -27.18 18.43 -0.08
N ALA A 40 -26.86 17.17 0.25
CA ALA A 40 -27.89 16.15 0.23
C ALA A 40 -28.99 16.42 1.24
N ARG A 41 -28.78 17.33 2.17
CA ARG A 41 -29.84 17.71 3.08
C ARG A 41 -30.68 18.86 2.55
N HIS A 42 -30.33 19.40 1.37
CA HIS A 42 -31.05 20.50 0.75
C HIS A 42 -31.59 20.19 -0.63
N VAL A 43 -31.07 19.18 -1.31
CA VAL A 43 -31.50 18.82 -2.66
C VAL A 43 -31.83 17.33 -2.69
N GLY A 44 -32.49 16.92 -3.77
CA GLY A 44 -32.94 15.54 -3.91
C GLY A 44 -31.81 14.57 -4.24
N SER A 45 -30.81 15.02 -5.00
CA SER A 45 -29.73 14.11 -5.37
C SER A 45 -28.46 14.91 -5.60
N VAL A 46 -27.33 14.27 -5.27
CA VAL A 46 -26.01 14.82 -5.48
C VAL A 46 -25.19 13.81 -6.27
N THR A 47 -24.58 14.26 -7.35
CA THR A 47 -23.69 13.43 -8.14
C THR A 47 -22.29 14.02 -8.06
N VAL A 48 -21.33 13.20 -7.61
CA VAL A 48 -19.93 13.61 -7.46
C VAL A 48 -19.14 13.01 -8.61
N ILE A 49 -18.47 13.88 -9.39
CA ILE A 49 -17.70 13.48 -10.56
C ILE A 49 -16.22 13.62 -10.20
N ASP A 50 -15.46 12.53 -10.39
CA ASP A 50 -14.03 12.55 -10.12
C ASP A 50 -13.29 11.72 -11.16
N ARG A 51 -12.16 12.23 -11.63
CA ARG A 51 -11.35 11.51 -12.59
C ARG A 51 -10.51 10.40 -11.97
N ASP A 52 -10.42 10.35 -10.65
CA ASP A 52 -9.58 9.36 -10.00
C ASP A 52 -10.37 8.06 -9.76
N ALA A 53 -9.63 7.02 -9.40
CA ALA A 53 -10.21 5.78 -8.90
C ALA A 53 -10.10 5.78 -7.37
N PHE A 54 -11.10 5.24 -6.70
CA PHE A 54 -11.16 5.36 -5.25
C PHE A 54 -10.97 4.01 -4.58
N PRO A 55 -10.10 3.92 -3.58
CA PRO A 55 -9.87 2.64 -2.91
C PRO A 55 -11.01 2.26 -1.97
N ALA A 56 -11.15 0.96 -1.74
CA ALA A 56 -12.13 0.48 -0.78
C ALA A 56 -11.67 0.67 0.66
N GLY A 57 -10.41 1.01 0.88
CA GLY A 57 -9.88 1.20 2.20
C GLY A 57 -9.06 2.47 2.30
N PRO A 58 -8.47 2.71 3.47
CA PRO A 58 -7.73 3.97 3.72
C PRO A 58 -6.37 3.99 3.05
N ASP A 59 -6.37 4.03 1.73
CA ASP A 59 -5.14 4.00 0.94
C ASP A 59 -4.89 5.33 0.25
N LEU A 60 -3.62 5.55 -0.08
CA LEU A 60 -3.23 6.65 -0.94
C LEU A 60 -3.84 6.46 -2.33
N ARG A 61 -4.13 7.58 -3.00
CA ARG A 61 -4.62 7.54 -4.36
C ARG A 61 -4.03 8.72 -5.13
N LYS A 62 -3.99 8.56 -6.45
CA LYS A 62 -3.25 9.52 -7.27
C LYS A 62 -3.89 10.91 -7.28
N GLY A 63 -5.20 10.99 -7.04
CA GLY A 63 -5.88 12.27 -7.05
C GLY A 63 -5.64 13.13 -5.83
N VAL A 64 -5.06 12.55 -4.77
CA VAL A 64 -4.72 13.31 -3.58
C VAL A 64 -3.27 13.01 -3.22
N PRO A 65 -2.32 13.47 -4.03
CA PRO A 65 -0.91 13.17 -3.74
C PRO A 65 -0.43 13.78 -2.45
N GLN A 66 -1.07 14.86 -1.99
CA GLN A 66 -0.62 15.49 -0.77
C GLN A 66 -0.81 14.59 0.44
N ALA A 67 -1.59 13.50 0.30
CA ALA A 67 -1.79 12.62 1.43
C ALA A 67 -0.51 11.93 1.87
N ARG A 68 0.57 12.04 1.08
CA ARG A 68 1.86 11.49 1.50
C ARG A 68 2.57 12.35 2.53
N HIS A 69 2.01 13.53 2.88
CA HIS A 69 2.67 14.46 3.77
C HIS A 69 1.82 14.73 5.01
N ALA A 70 2.48 15.21 6.07
CA ALA A 70 1.80 15.45 7.34
C ALA A 70 0.61 16.38 7.15
N HIS A 71 -0.53 16.01 7.71
CA HIS A 71 -1.75 16.83 7.68
C HIS A 71 -2.20 17.05 9.11
N ILE A 72 -2.28 18.31 9.50
CA ILE A 72 -2.84 18.69 10.81
C ILE A 72 -4.28 19.13 10.57
N LEU A 73 -5.22 18.55 11.30
CA LEU A 73 -6.61 18.99 11.24
C LEU A 73 -6.88 19.80 12.50
N TRP A 74 -6.85 21.14 12.38
CA TRP A 74 -7.08 21.98 13.54
C TRP A 74 -8.52 21.88 14.03
N SER A 75 -8.70 22.13 15.33
CA SER A 75 -10.01 22.09 15.97
C SER A 75 -11.09 22.85 15.18
N GLY A 76 -10.76 24.03 14.65
CA GLY A 76 -11.77 24.80 13.93
C GLY A 76 -12.39 24.03 12.78
N GLY A 77 -11.55 23.37 11.98
CA GLY A 77 -12.08 22.52 10.92
C GLY A 77 -12.66 21.23 11.45
N ALA A 78 -12.05 20.66 12.49
CA ALA A 78 -12.56 19.40 13.02
C ALA A 78 -13.98 19.56 13.54
N ARG A 79 -14.28 20.68 14.20
CA ARG A 79 -15.62 20.86 14.76
C ARG A 79 -16.65 21.02 13.66
N ILE A 80 -16.27 21.63 12.53
CA ILE A 80 -17.20 21.80 11.42
C ILE A 80 -17.40 20.47 10.70
N VAL A 81 -16.32 19.71 10.50
CA VAL A 81 -16.46 18.35 9.97
C VAL A 81 -17.43 17.56 10.82
N GLU A 82 -17.31 17.70 12.15
CA GLU A 82 -18.21 16.98 13.05
C GLU A 82 -19.66 17.44 12.88
N GLU A 83 -19.87 18.75 12.69
CA GLU A 83 -21.22 19.28 12.49
C GLU A 83 -21.84 18.76 11.20
N LEU A 84 -21.05 18.65 10.13
CA LEU A 84 -21.54 18.16 8.85
C LEU A 84 -21.70 16.64 8.83
N LEU A 85 -20.80 15.91 9.49
CA LEU A 85 -20.78 14.44 9.49
C LEU A 85 -20.67 13.94 10.93
N PRO A 86 -21.75 14.00 11.68
CA PRO A 86 -21.70 13.60 13.08
C PRO A 86 -21.12 12.20 13.26
N GLY A 87 -20.28 12.06 14.28
CA GLY A 87 -19.62 10.80 14.56
C GLY A 87 -18.24 10.71 13.96
N THR A 88 -17.86 11.64 13.08
CA THR A 88 -16.58 11.51 12.38
C THR A 88 -15.39 11.61 13.33
N THR A 89 -15.42 12.56 14.27
CA THR A 89 -14.28 12.70 15.18
C THR A 89 -14.08 11.42 15.98
N ASP A 90 -15.16 10.90 16.58
CA ASP A 90 -15.00 9.68 17.35
C ASP A 90 -14.58 8.51 16.47
N ARG A 91 -15.12 8.43 15.26
CA ARG A 91 -14.71 7.36 14.35
C ARG A 91 -13.21 7.45 14.05
N LEU A 92 -12.69 8.66 13.90
CA LEU A 92 -11.24 8.81 13.66
C LEU A 92 -10.45 8.33 14.86
N LEU A 93 -10.79 8.83 16.05
CA LEU A 93 -10.09 8.37 17.24
C LEU A 93 -10.24 6.87 17.41
N GLY A 94 -11.43 6.36 17.11
CA GLY A 94 -11.69 4.93 17.17
C GLY A 94 -10.84 4.10 16.24
N ALA A 95 -10.29 4.72 15.19
CA ALA A 95 -9.42 4.02 14.27
C ALA A 95 -7.94 4.27 14.55
N GLY A 96 -7.61 4.99 15.63
CA GLY A 96 -6.23 5.19 16.03
C GLY A 96 -5.71 6.60 15.81
N ALA A 97 -6.55 7.50 15.30
CA ALA A 97 -6.16 8.90 15.21
C ALA A 97 -5.93 9.46 16.60
N HIS A 98 -5.09 10.49 16.68
CA HIS A 98 -4.73 11.06 17.96
C HIS A 98 -5.41 12.41 18.11
N ARG A 99 -6.02 12.64 19.27
CA ARG A 99 -6.42 13.97 19.69
C ARG A 99 -5.29 14.56 20.51
N ILE A 100 -4.70 15.63 20.00
CA ILE A 100 -3.54 16.27 20.62
C ILE A 100 -3.95 17.66 21.07
N GLY A 101 -3.84 17.92 22.37
CA GLY A 101 -4.22 19.23 22.89
C GLY A 101 -3.21 20.28 22.51
N ILE A 102 -3.70 21.51 22.34
CA ILE A 102 -2.89 22.65 21.96
C ILE A 102 -3.08 23.71 23.04
N PRO A 103 -2.00 24.20 23.71
CA PRO A 103 -0.59 23.84 23.48
C PRO A 103 -0.06 22.71 24.39
N ASP A 104 -0.93 22.12 25.23
CA ASP A 104 -0.43 21.17 26.24
C ASP A 104 0.21 19.95 25.60
N GLY A 105 -0.22 19.57 24.40
CA GLY A 105 0.30 18.37 23.78
C GLY A 105 1.25 18.65 22.64
N GLN A 106 1.78 19.85 22.56
CA GLN A 106 2.72 20.17 21.49
C GLN A 106 4.04 20.62 22.08
N VAL A 107 5.12 20.22 21.42
CA VAL A 107 6.47 20.67 21.76
C VAL A 107 6.93 21.47 20.56
N SER A 108 6.87 22.80 20.66
CA SER A 108 6.96 23.67 19.48
C SER A 108 8.01 24.76 19.69
N TYR A 109 9.04 24.78 18.83
CA TYR A 109 10.02 25.88 18.84
C TYR A 109 9.56 26.93 17.85
N THR A 110 8.82 27.94 18.33
CA THR A 110 8.26 28.94 17.45
C THR A 110 9.33 29.95 17.05
N ALA A 111 8.94 30.85 16.16
CA ALA A 111 9.81 31.96 15.78
C ALA A 111 10.25 32.76 17.00
N TYR A 112 9.49 32.72 18.08
CA TYR A 112 9.75 33.53 19.26
C TYR A 112 10.33 32.74 20.42
N GLY A 113 10.62 31.45 20.22
CA GLY A 113 11.13 30.59 21.26
C GLY A 113 10.18 29.44 21.54
N TRP A 114 10.57 28.62 22.50
CA TRP A 114 9.73 27.48 22.86
C TRP A 114 8.41 27.97 23.41
N GLN A 115 7.33 27.29 23.01
CA GLN A 115 6.01 27.54 23.58
C GLN A 115 5.93 26.84 24.92
N HIS A 116 5.62 27.59 25.97
CA HIS A 116 5.34 26.95 27.25
C HIS A 116 4.07 26.12 27.12
N ARG A 117 4.11 24.89 27.61
CA ARG A 117 2.96 23.98 27.42
C ARG A 117 1.92 24.23 28.50
N PHE A 118 1.15 25.32 28.31
CA PHE A 118 0.00 25.64 29.15
C PHE A 118 -1.07 24.57 29.03
N PRO A 119 -2.05 24.53 29.93
CA PRO A 119 -3.17 23.59 29.77
C PRO A 119 -3.92 23.82 28.47
N GLU A 120 -4.68 22.80 28.08
CA GLU A 120 -5.35 22.79 26.79
C GLU A 120 -6.19 24.04 26.55
N ALA A 121 -6.00 24.63 25.37
CA ALA A 121 -6.90 25.67 24.87
C ALA A 121 -7.67 25.19 23.66
N GLN A 122 -7.00 24.56 22.71
CA GLN A 122 -7.65 23.98 21.54
C GLN A 122 -7.14 22.55 21.35
N PHE A 123 -7.38 21.98 20.17
CA PHE A 123 -6.88 20.64 19.89
C PHE A 123 -6.67 20.49 18.39
N MET A 124 -6.04 19.39 18.02
CA MET A 124 -5.98 18.99 16.62
C MET A 124 -6.18 17.49 16.58
N ILE A 125 -6.56 16.99 15.40
CA ILE A 125 -6.69 15.55 15.14
C ILE A 125 -5.53 15.15 14.24
N ALA A 126 -4.80 14.12 14.65
CA ALA A 126 -3.60 13.66 13.98
C ALA A 126 -3.81 12.24 13.46
N CYS A 127 -3.80 12.07 12.14
CA CYS A 127 -3.84 10.76 11.50
C CYS A 127 -3.36 10.94 10.06
N SER A 128 -3.10 9.82 9.39
CA SER A 128 -2.82 9.85 7.96
C SER A 128 -3.97 10.51 7.21
N ARG A 129 -3.63 11.35 6.22
CA ARG A 129 -4.65 11.93 5.36
C ARG A 129 -5.46 10.86 4.63
N ALA A 130 -4.83 9.71 4.33
CA ALA A 130 -5.57 8.62 3.68
C ALA A 130 -6.68 8.11 4.57
N LEU A 131 -6.41 7.92 5.86
CA LEU A 131 -7.46 7.49 6.78
C LEU A 131 -8.53 8.58 6.95
N LEU A 132 -8.10 9.84 7.06
CA LEU A 132 -9.06 10.93 7.17
C LEU A 132 -9.99 10.99 5.96
N ASP A 133 -9.42 10.92 4.75
CA ASP A 133 -10.26 10.95 3.55
C ASP A 133 -11.24 9.79 3.51
N TRP A 134 -10.74 8.60 3.83
CA TRP A 134 -11.57 7.40 3.80
C TRP A 134 -12.71 7.50 4.80
N THR A 135 -12.43 7.98 6.00
CA THR A 135 -13.45 8.11 7.03
C THR A 135 -14.53 9.08 6.57
N VAL A 136 -14.12 10.23 6.03
CA VAL A 136 -15.12 11.22 5.61
C VAL A 136 -15.94 10.69 4.44
N ARG A 137 -15.30 10.06 3.46
CA ARG A 137 -16.02 9.55 2.29
C ARG A 137 -16.99 8.43 2.67
N GLU A 138 -16.55 7.48 3.50
CA GLU A 138 -17.42 6.39 3.88
C GLU A 138 -18.65 6.92 4.61
N GLU A 139 -18.46 7.90 5.49
CA GLU A 139 -19.59 8.49 6.20
C GLU A 139 -20.49 9.26 5.24
N THR A 140 -19.90 10.02 4.33
CA THR A 140 -20.71 10.80 3.40
C THR A 140 -21.57 9.87 2.54
N LEU A 141 -20.96 8.82 2.02
CA LEU A 141 -21.64 7.99 1.03
C LEU A 141 -22.62 7.01 1.66
N ARG A 142 -22.79 7.04 2.98
CA ARG A 142 -23.90 6.31 3.59
C ARG A 142 -25.24 6.84 3.12
N GLU A 143 -25.28 8.13 2.73
CA GLU A 143 -26.47 8.74 2.17
C GLU A 143 -26.62 8.29 0.71
N GLU A 144 -27.62 7.46 0.46
CA GLU A 144 -27.77 6.85 -0.85
C GLU A 144 -28.06 7.89 -1.94
N ARG A 145 -28.56 9.06 -1.57
CA ARG A 145 -28.83 10.06 -2.58
C ARG A 145 -27.57 10.77 -3.05
N ILE A 146 -26.41 10.43 -2.49
CA ILE A 146 -25.12 10.90 -2.99
C ILE A 146 -24.46 9.75 -3.73
N ALA A 147 -24.06 9.98 -4.97
CA ALA A 147 -23.39 8.97 -5.77
C ALA A 147 -22.05 9.53 -6.23
N LEU A 148 -20.99 8.76 -5.99
CA LEU A 148 -19.66 9.11 -6.46
C LEU A 148 -19.44 8.41 -7.80
N VAL A 149 -19.15 9.19 -8.83
CA VAL A 149 -18.95 8.71 -10.19
C VAL A 149 -17.46 8.84 -10.48
N GLU A 150 -16.73 7.74 -10.36
CA GLU A 150 -15.28 7.72 -10.46
C GLU A 150 -14.83 7.60 -11.92
N LYS A 151 -13.53 7.81 -12.12
CA LYS A 151 -12.86 7.60 -13.42
C LYS A 151 -13.64 8.29 -14.54
N THR A 152 -14.03 9.53 -14.28
CA THR A 152 -14.86 10.30 -15.18
C THR A 152 -14.25 11.69 -15.32
N GLU A 153 -14.08 12.15 -16.56
CA GLU A 153 -13.53 13.46 -16.86
C GLU A 153 -14.64 14.49 -16.95
N VAL A 154 -14.32 15.72 -16.57
CA VAL A 154 -15.23 16.85 -16.70
C VAL A 154 -14.87 17.59 -17.98
N LEU A 155 -15.79 17.63 -18.93
CA LEU A 155 -15.51 18.23 -20.24
C LEU A 155 -15.89 19.69 -20.33
N ALA A 156 -17.06 20.08 -19.82
CA ALA A 156 -17.54 21.44 -19.99
C ALA A 156 -18.67 21.70 -19.00
N LEU A 157 -18.87 22.96 -18.67
CA LEU A 157 -20.09 23.35 -17.96
C LEU A 157 -21.20 23.53 -18.97
N LEU A 158 -22.38 23.03 -18.64
CA LEU A 158 -23.55 23.22 -19.49
C LEU A 158 -24.26 24.52 -19.14
N GLY A 159 -24.90 25.12 -20.15
CA GLY A 159 -25.61 26.36 -19.96
C GLY A 159 -24.86 27.51 -20.60
N ASP A 160 -24.74 28.62 -19.89
CA ASP A 160 -24.05 29.78 -20.46
C ASP A 160 -23.60 30.65 -19.30
N ALA A 161 -23.02 31.81 -19.64
CA ALA A 161 -22.50 32.71 -18.62
C ALA A 161 -23.57 33.22 -17.68
N GLY A 162 -24.85 33.14 -18.07
CA GLY A 162 -25.94 33.59 -17.22
C GLY A 162 -26.37 32.54 -16.20
N ARG A 163 -26.32 31.27 -16.58
CA ARG A 163 -26.71 30.19 -15.66
C ARG A 163 -26.09 28.88 -16.14
N VAL A 164 -25.47 28.17 -15.20
CA VAL A 164 -24.92 26.85 -15.45
C VAL A 164 -26.01 25.84 -15.13
N THR A 165 -26.16 24.84 -15.99
CA THR A 165 -27.24 23.88 -15.87
C THR A 165 -26.77 22.43 -15.76
N GLY A 166 -25.49 22.19 -15.50
CA GLY A 166 -24.95 20.86 -15.38
C GLY A 166 -23.55 20.81 -15.96
N VAL A 167 -23.07 19.59 -16.24
CA VAL A 167 -21.76 19.41 -16.83
C VAL A 167 -21.79 18.28 -17.85
N ARG A 168 -20.93 18.40 -18.86
CA ARG A 168 -20.65 17.32 -19.80
C ARG A 168 -19.43 16.54 -19.29
N VAL A 169 -19.57 15.21 -19.22
CA VAL A 169 -18.52 14.35 -18.69
C VAL A 169 -18.22 13.23 -19.69
N ARG A 170 -17.08 12.58 -19.48
CA ARG A 170 -16.61 11.47 -20.31
C ARG A 170 -16.19 10.31 -19.42
N ASP A 171 -16.84 9.16 -19.59
CA ASP A 171 -16.41 7.95 -18.90
C ASP A 171 -15.05 7.51 -19.45
N GLN A 172 -14.06 7.32 -18.57
CA GLN A 172 -12.72 7.00 -19.06
C GLN A 172 -12.67 5.62 -19.73
N GLU A 173 -13.35 4.64 -19.15
CA GLU A 173 -13.25 3.28 -19.68
C GLU A 173 -14.00 3.15 -20.99
N SER A 174 -15.24 3.63 -21.02
CA SER A 174 -16.07 3.57 -22.22
C SER A 174 -15.63 4.57 -23.28
N GLY A 175 -15.26 5.78 -22.87
CA GLY A 175 -15.08 6.89 -23.78
C GLY A 175 -16.36 7.63 -24.12
N GLU A 176 -17.51 7.16 -23.65
CA GLU A 176 -18.76 7.82 -23.97
C GLU A 176 -18.92 9.12 -23.22
N GLU A 177 -19.50 10.12 -23.88
CA GLU A 177 -19.79 11.38 -23.23
C GLU A 177 -21.26 11.49 -22.93
N ARG A 178 -21.59 12.25 -21.88
CA ARG A 178 -23.00 12.44 -21.54
C ARG A 178 -23.15 13.73 -20.74
N GLU A 179 -24.36 14.26 -20.78
CA GLU A 179 -24.68 15.47 -20.03
C GLU A 179 -25.28 15.07 -18.70
N VAL A 180 -24.81 15.71 -17.63
CA VAL A 180 -25.31 15.50 -16.28
C VAL A 180 -26.01 16.78 -15.84
N PRO A 181 -27.33 16.81 -15.76
CA PRO A 181 -28.01 18.07 -15.43
C PRO A 181 -27.85 18.39 -13.95
N ALA A 182 -27.95 19.68 -13.64
CA ALA A 182 -27.79 20.13 -12.28
C ALA A 182 -28.43 21.50 -12.09
N ASP A 183 -29.10 21.70 -10.96
CA ASP A 183 -29.52 23.02 -10.54
C ASP A 183 -28.39 23.79 -9.89
N LEU A 184 -27.39 23.08 -9.39
CA LEU A 184 -26.24 23.71 -8.77
C LEU A 184 -25.03 22.85 -9.09
N VAL A 185 -23.98 23.47 -9.62
CA VAL A 185 -22.70 22.82 -9.81
C VAL A 185 -21.72 23.43 -8.83
N VAL A 186 -21.03 22.59 -8.08
CA VAL A 186 -19.99 23.04 -7.14
C VAL A 186 -18.66 22.44 -7.58
N ASP A 187 -17.69 23.30 -7.89
CA ASP A 187 -16.36 22.83 -8.26
C ASP A 187 -15.52 22.71 -6.99
N THR A 188 -15.18 21.47 -6.65
CA THR A 188 -14.24 21.20 -5.57
C THR A 188 -13.10 20.33 -6.09
N THR A 189 -12.54 20.65 -7.26
CA THR A 189 -11.51 19.80 -7.84
C THR A 189 -10.10 20.14 -7.35
N GLY A 190 -9.97 21.00 -6.34
CA GLY A 190 -8.70 21.15 -5.65
C GLY A 190 -7.73 22.07 -6.37
N ARG A 191 -6.46 21.95 -5.97
CA ARG A 191 -5.43 22.85 -6.49
C ARG A 191 -5.31 22.75 -8.00
N GLY A 192 -5.52 21.58 -8.58
CA GLY A 192 -5.41 21.44 -10.02
C GLY A 192 -6.72 21.65 -10.77
N SER A 193 -7.61 22.45 -10.20
CA SER A 193 -8.97 22.58 -10.73
C SER A 193 -8.93 23.16 -12.14
N PRO A 194 -9.79 22.67 -13.06
CA PRO A 194 -9.82 23.23 -14.42
C PRO A 194 -10.87 24.32 -14.61
N SER A 195 -11.30 24.98 -13.52
CA SER A 195 -12.41 25.93 -13.64
C SER A 195 -12.03 27.17 -14.44
N LYS A 196 -10.76 27.58 -14.42
CA LYS A 196 -10.38 28.70 -15.28
C LYS A 196 -10.66 28.39 -16.73
N ARG A 197 -10.37 27.16 -17.15
CA ARG A 197 -10.68 26.74 -18.52
C ARG A 197 -12.17 26.60 -18.73
N LEU A 198 -12.86 25.91 -17.80
CA LEU A 198 -14.31 25.72 -17.93
C LEU A 198 -15.03 27.06 -18.01
N LEU A 199 -14.59 28.05 -17.23
CA LEU A 199 -15.28 29.33 -17.22
C LEU A 199 -14.90 30.18 -18.42
N ALA A 200 -13.68 29.99 -18.93
CA ALA A 200 -13.32 30.62 -20.19
C ALA A 200 -14.22 30.11 -21.32
N GLU A 201 -14.46 28.80 -21.35
CA GLU A 201 -15.33 28.22 -22.38
C GLU A 201 -16.74 28.80 -22.32
N LEU A 202 -17.21 29.17 -21.12
CA LEU A 202 -18.51 29.81 -21.00
C LEU A 202 -18.50 31.23 -21.54
N GLY A 203 -17.34 31.84 -21.64
CA GLY A 203 -17.23 33.23 -22.05
C GLY A 203 -17.12 34.19 -20.90
N LEU A 204 -16.66 33.74 -19.75
CA LEU A 204 -16.49 34.66 -18.65
C LEU A 204 -15.07 35.20 -18.65
N PRO A 205 -14.85 36.41 -18.15
CA PRO A 205 -13.49 36.93 -18.08
C PRO A 205 -12.70 36.20 -17.00
N ALA A 206 -11.38 36.31 -17.10
CA ALA A 206 -10.51 35.61 -16.16
C ALA A 206 -10.56 36.29 -14.80
N PRO A 207 -10.60 35.52 -13.71
CA PRO A 207 -10.60 36.13 -12.38
C PRO A 207 -9.23 36.66 -12.04
N GLU A 208 -9.20 37.64 -11.14
CA GLU A 208 -7.92 38.10 -10.61
C GLU A 208 -7.24 36.94 -9.91
N GLU A 209 -5.98 36.70 -10.26
CA GLU A 209 -5.15 35.70 -9.60
C GLU A 209 -4.21 36.41 -8.63
N GLU A 210 -4.21 35.95 -7.37
CA GLU A 210 -3.32 36.46 -6.34
C GLU A 210 -2.42 35.33 -5.87
N PHE A 211 -1.12 35.58 -5.73
CA PHE A 211 -0.30 34.52 -5.17
C PHE A 211 0.87 35.09 -4.37
N VAL A 212 1.32 34.27 -3.43
CA VAL A 212 2.51 34.54 -2.63
C VAL A 212 3.27 33.23 -2.62
N ASP A 213 4.42 33.19 -3.32
CA ASP A 213 5.17 31.96 -3.57
C ASP A 213 6.56 32.08 -2.93
N SER A 214 6.71 31.50 -1.74
CA SER A 214 8.00 31.42 -1.05
C SER A 214 8.96 30.39 -1.65
N GLY A 215 8.52 29.56 -2.60
CA GLY A 215 9.35 28.48 -3.10
C GLY A 215 9.52 27.34 -2.13
N MET A 216 8.56 27.16 -1.23
CA MET A 216 8.66 26.14 -0.21
C MET A 216 8.58 24.74 -0.80
N VAL A 217 9.45 23.85 -0.34
CA VAL A 217 9.44 22.44 -0.73
C VAL A 217 9.34 21.58 0.52
N TYR A 218 8.47 20.57 0.47
CA TYR A 218 8.23 19.59 1.53
C TYR A 218 9.01 18.31 1.25
N ALA A 219 9.46 17.66 2.34
CA ALA A 219 10.03 16.32 2.28
C ALA A 219 9.52 15.53 3.47
N THR A 220 9.04 14.32 3.22
CA THR A 220 8.37 13.51 4.24
C THR A 220 8.86 12.07 4.25
N ARG A 221 9.03 11.50 5.45
CA ARG A 221 9.17 10.07 5.65
C ARG A 221 8.24 9.60 6.76
N LEU A 222 7.83 8.34 6.67
CA LEU A 222 7.12 7.67 7.73
C LEU A 222 8.11 6.88 8.59
N PHE A 223 7.82 6.82 9.89
CA PHE A 223 8.65 6.08 10.84
C PHE A 223 7.76 5.21 11.72
N ARG A 224 8.32 4.11 12.22
CA ARG A 224 7.63 3.36 13.27
C ARG A 224 8.13 3.93 14.59
N ALA A 225 7.20 4.45 15.40
CA ALA A 225 7.59 5.06 16.66
C ALA A 225 8.07 3.97 17.62
N PRO A 226 8.93 4.31 18.58
CA PRO A 226 9.21 3.38 19.67
C PRO A 226 7.91 2.93 20.30
N GLU A 227 7.84 1.64 20.64
CA GLU A 227 6.55 1.02 20.91
C GLU A 227 5.78 1.73 22.03
N ALA A 228 6.47 2.10 23.12
CA ALA A 228 5.77 2.74 24.23
C ALA A 228 5.32 4.15 23.89
N ALA A 229 5.87 4.76 22.83
CA ALA A 229 5.49 6.10 22.41
C ALA A 229 4.48 6.09 21.28
N ALA A 230 3.83 4.95 21.04
CA ALA A 230 2.85 4.86 19.96
C ALA A 230 1.57 5.61 20.30
N THR A 231 1.33 5.93 21.56
CA THR A 231 0.19 6.74 21.97
C THR A 231 0.67 7.81 22.94
N ASN A 232 -0.18 8.83 23.11
CA ASN A 232 0.09 9.93 24.03
C ASN A 232 1.45 10.57 23.78
N PHE A 233 1.90 10.56 22.52
CA PHE A 233 3.12 11.29 22.20
C PHE A 233 2.79 12.67 21.62
N PRO A 234 3.57 13.71 21.91
CA PRO A 234 3.19 15.06 21.48
C PRO A 234 3.44 15.31 20.00
N LEU A 235 2.72 16.30 19.47
CA LEU A 235 3.07 16.88 18.18
C LEU A 235 4.33 17.71 18.38
N VAL A 236 5.36 17.51 17.57
CA VAL A 236 6.63 18.20 17.75
C VAL A 236 6.92 19.04 16.52
N SER A 237 7.20 20.33 16.72
CA SER A 237 7.47 21.17 15.56
C SER A 237 8.58 22.16 15.85
N VAL A 238 9.42 22.38 14.85
CA VAL A 238 10.48 23.38 14.91
C VAL A 238 10.22 24.34 13.77
N HIS A 239 9.95 25.60 14.09
CA HIS A 239 9.46 26.57 13.12
C HIS A 239 10.57 27.48 12.61
N ALA A 240 10.35 28.02 11.41
CA ALA A 240 11.22 29.06 10.92
C ALA A 240 10.99 30.36 11.70
N ASP A 241 12.00 31.24 11.66
CA ASP A 241 11.85 32.61 12.17
C ASP A 241 11.55 33.49 10.97
N HIS A 242 10.27 33.80 10.77
CA HIS A 242 9.86 34.58 9.60
C HIS A 242 10.46 35.98 9.59
N ARG A 243 10.99 36.45 10.72
CA ARG A 243 11.60 37.77 10.79
C ARG A 243 13.08 37.77 10.45
N ALA A 244 13.71 36.62 10.37
CA ALA A 244 15.13 36.51 10.07
C ALA A 244 15.35 36.41 8.57
N GLY A 245 16.26 37.24 8.04
CA GLY A 245 16.52 37.27 6.61
C GLY A 245 17.28 36.07 6.09
N ARG A 246 16.74 34.89 6.32
CA ARG A 246 17.30 33.63 5.87
C ARG A 246 16.16 32.78 5.36
N PRO A 247 16.45 31.77 4.53
CA PRO A 247 15.39 30.87 4.08
C PRO A 247 14.68 30.24 5.28
N GLY A 248 13.35 30.16 5.18
CA GLY A 248 12.56 29.62 6.27
C GLY A 248 12.49 28.11 6.23
N CYS A 249 12.90 27.45 7.31
CA CYS A 249 12.94 26.00 7.33
C CYS A 249 12.20 25.46 8.54
N ASN A 250 11.50 24.34 8.35
CA ASN A 250 10.65 23.78 9.40
C ASN A 250 10.81 22.26 9.45
N ALA A 251 10.48 21.69 10.62
CA ALA A 251 10.43 20.23 10.79
C ALA A 251 9.26 19.90 11.69
N VAL A 252 8.47 18.90 11.30
CA VAL A 252 7.29 18.52 12.04
C VAL A 252 7.27 17.00 12.22
N LEU A 253 7.01 16.55 13.43
CA LEU A 253 6.85 15.14 13.74
C LEU A 253 5.45 14.98 14.31
N MET A 254 4.62 14.19 13.64
CA MET A 254 3.23 14.04 14.05
C MET A 254 2.86 12.57 14.19
N PRO A 255 2.30 12.15 15.33
CA PRO A 255 1.81 10.78 15.45
C PRO A 255 0.63 10.54 14.52
N ILE A 256 0.56 9.33 13.96
CA ILE A 256 -0.60 8.90 13.20
C ILE A 256 -1.00 7.51 13.68
N GLU A 257 -2.02 6.94 13.04
CA GLU A 257 -2.59 5.69 13.54
C GLU A 257 -1.62 4.52 13.40
N ASP A 258 -1.88 3.49 14.23
CA ASP A 258 -1.14 2.23 14.21
C ASP A 258 0.35 2.44 14.45
N GLY A 259 0.66 3.29 15.43
CA GLY A 259 2.01 3.37 15.97
C GLY A 259 3.06 3.97 15.08
N ARG A 260 2.67 4.83 14.16
CA ARG A 260 3.62 5.45 13.25
C ARG A 260 3.76 6.94 13.56
N TRP A 261 4.86 7.49 13.08
CA TRP A 261 5.14 8.92 13.07
C TRP A 261 5.28 9.35 11.61
N ILE A 262 4.63 10.45 11.22
CA ILE A 262 4.90 11.07 9.94
C ILE A 262 5.75 12.31 10.20
N VAL A 263 6.83 12.45 9.45
CA VAL A 263 7.82 13.50 9.69
C VAL A 263 8.01 14.29 8.42
N THR A 264 7.66 15.56 8.44
CA THR A 264 7.71 16.42 7.26
C THR A 264 8.64 17.59 7.53
N VAL A 265 9.64 17.76 6.68
CA VAL A 265 10.54 18.89 6.78
C VAL A 265 10.34 19.75 5.53
N SER A 266 10.68 21.03 5.66
CA SER A 266 10.25 22.01 4.68
C SER A 266 11.27 23.15 4.62
N GLY A 267 11.43 23.73 3.44
CA GLY A 267 12.27 24.91 3.33
C GLY A 267 11.93 25.80 2.15
N THR A 268 12.05 27.12 2.32
CA THR A 268 11.79 28.02 1.21
C THR A 268 13.03 28.09 0.32
N ARG A 269 12.90 28.90 -0.74
CA ARG A 269 13.96 29.14 -1.76
C ARG A 269 15.31 29.35 -1.07
N GLY A 270 16.28 28.49 -1.39
CA GLY A 270 17.59 28.55 -0.77
C GLY A 270 17.77 27.66 0.44
N GLY A 271 16.71 27.00 0.92
CA GLY A 271 16.80 26.11 2.06
C GLY A 271 15.99 24.85 1.90
N GLU A 272 15.73 24.47 0.65
CA GLU A 272 14.87 23.33 0.40
C GLU A 272 15.53 22.04 0.94
N PRO A 273 14.75 21.13 1.53
CA PRO A 273 15.35 19.89 2.01
C PRO A 273 15.72 18.97 0.85
N PRO A 274 16.72 18.11 1.05
CA PRO A 274 17.16 17.23 -0.05
C PRO A 274 16.20 16.07 -0.23
N ALA A 275 16.45 15.28 -1.29
CA ALA A 275 15.56 14.18 -1.64
C ALA A 275 16.03 12.83 -1.12
N ASP A 276 17.26 12.73 -0.62
CA ASP A 276 17.81 11.43 -0.27
C ASP A 276 17.56 11.11 1.20
N ASP A 277 17.50 9.80 1.50
CA ASP A 277 17.16 9.38 2.85
C ASP A 277 18.18 9.88 3.86
N GLU A 278 19.47 9.81 3.52
CA GLU A 278 20.48 10.22 4.51
C GLU A 278 20.45 11.73 4.73
N GLY A 279 20.23 12.50 3.67
CA GLY A 279 20.14 13.94 3.82
C GLY A 279 18.87 14.40 4.51
N PHE A 280 17.85 13.54 4.57
CA PHE A 280 16.63 13.89 5.28
C PHE A 280 16.92 14.08 6.77
N ALA A 281 17.54 13.06 7.39
CA ALA A 281 17.82 13.14 8.82
C ALA A 281 18.79 14.27 9.13
N ARG A 282 19.72 14.55 8.22
CA ARG A 282 20.64 15.65 8.44
C ARG A 282 19.92 16.98 8.47
N PHE A 283 18.94 17.17 7.58
CA PHE A 283 18.18 18.42 7.54
C PHE A 283 17.38 18.61 8.82
N ALA A 284 16.72 17.56 9.30
CA ALA A 284 15.92 17.62 10.52
C ALA A 284 16.76 17.98 11.74
N ARG A 285 18.06 17.71 11.69
CA ARG A 285 18.97 18.09 12.78
C ARG A 285 19.55 19.49 12.56
N ASP A 286 20.14 19.72 11.39
CA ASP A 286 20.96 20.90 11.16
C ASP A 286 20.35 21.94 10.22
N GLY A 287 19.34 21.55 9.42
CA GLY A 287 18.72 22.49 8.49
C GLY A 287 17.72 23.44 9.13
N VAL A 288 17.23 23.10 10.32
CA VAL A 288 16.25 23.92 11.01
C VAL A 288 16.93 24.53 12.22
N ARG A 289 16.20 25.36 12.96
CA ARG A 289 16.76 26.19 14.01
C ARG A 289 17.03 25.43 15.30
N HIS A 290 16.46 24.23 15.46
CA HIS A 290 16.72 23.38 16.62
C HIS A 290 16.66 21.94 16.16
N PRO A 291 17.53 21.07 16.66
CA PRO A 291 17.64 19.71 16.10
C PRO A 291 16.66 18.69 16.66
N LEU A 292 15.67 19.09 17.47
CA LEU A 292 14.86 18.13 18.22
C LEU A 292 14.22 17.07 17.33
N VAL A 293 13.60 17.46 16.19
CA VAL A 293 12.97 16.45 15.36
C VAL A 293 14.01 15.44 14.84
N GLY A 294 15.20 15.94 14.49
CA GLY A 294 16.26 15.04 14.08
C GLY A 294 16.67 14.09 15.19
N GLU A 295 16.67 14.56 16.43
CA GLU A 295 17.03 13.68 17.54
C GLU A 295 15.97 12.58 17.72
N LEU A 296 14.70 12.93 17.56
CA LEU A 296 13.63 11.96 17.83
C LEU A 296 13.56 10.89 16.74
N ILE A 297 13.74 11.28 15.47
CA ILE A 297 13.67 10.27 14.43
C ILE A 297 14.81 9.28 14.57
N ALA A 298 15.91 9.67 15.24
CA ALA A 298 17.00 8.76 15.51
C ALA A 298 16.53 7.69 16.48
N ALA A 300 13.60 6.16 16.03
CA ALA A 300 12.52 5.37 15.45
C ALA A 300 13.02 4.62 14.22
N GLN A 301 12.17 3.76 13.64
CA GLN A 301 12.56 2.99 12.46
C GLN A 301 11.90 3.57 11.23
N PRO A 302 12.66 4.05 10.25
CA PRO A 302 12.03 4.56 9.02
C PRO A 302 11.29 3.45 8.28
N LEU A 303 10.15 3.82 7.69
CA LEU A 303 9.30 2.88 6.98
C LEU A 303 9.18 3.14 5.49
N THR A 304 9.30 4.39 5.06
CA THR A 304 9.17 4.77 3.67
C THR A 304 10.33 5.65 3.26
N SER A 305 10.58 5.72 1.95
CA SER A 305 11.59 6.64 1.43
C SER A 305 11.00 8.04 1.28
N VAL A 306 11.89 9.01 1.04
CA VAL A 306 11.51 10.43 1.07
C VAL A 306 10.56 10.74 -0.09
N GLU A 307 9.45 11.42 0.24
CA GLU A 307 8.51 11.97 -0.74
C GLU A 307 8.55 13.49 -0.68
N ARG A 308 8.58 14.14 -1.84
CA ARG A 308 8.66 15.59 -1.89
C ARG A 308 7.40 16.19 -2.49
N SER A 309 7.22 17.49 -2.23
CA SER A 309 6.11 18.23 -2.83
C SER A 309 6.49 19.68 -2.94
N ARG A 310 6.05 20.31 -4.03
CA ARG A 310 6.25 21.73 -4.25
C ARG A 310 4.92 22.48 -4.26
N SER A 311 3.83 21.80 -3.90
CA SER A 311 2.49 22.38 -3.90
C SER A 311 2.30 23.20 -2.63
N THR A 312 3.00 24.34 -2.59
CA THR A 312 3.07 25.15 -1.40
C THR A 312 2.76 26.62 -1.63
N VAL A 313 2.39 27.01 -2.86
CA VAL A 313 2.11 28.41 -3.14
C VAL A 313 0.77 28.80 -2.53
N ASN A 314 0.72 29.97 -1.90
CA ASN A 314 -0.56 30.59 -1.56
C ASN A 314 -1.11 31.16 -2.85
N ARG A 315 -2.23 30.63 -3.32
CA ARG A 315 -2.81 31.12 -4.56
C ARG A 315 -4.32 31.25 -4.36
N ARG A 316 -4.89 32.35 -4.84
CA ARG A 316 -6.28 32.65 -4.63
C ARG A 316 -6.87 33.19 -5.93
N LEU A 317 -8.07 32.74 -6.28
CA LEU A 317 -8.77 33.21 -7.47
C LEU A 317 -10.02 33.96 -7.03
N HIS A 318 -10.09 35.24 -7.39
CA HIS A 318 -11.16 36.11 -6.91
C HIS A 318 -12.40 35.98 -7.80
N TYR A 319 -12.99 34.77 -7.79
CA TYR A 319 -14.23 34.53 -8.52
C TYR A 319 -15.37 35.43 -8.02
N ASP A 320 -15.40 35.73 -6.72
CA ASP A 320 -16.48 36.52 -6.15
C ASP A 320 -16.49 37.94 -6.67
N ARG A 321 -15.39 38.41 -7.25
CA ARG A 321 -15.32 39.78 -7.75
C ARG A 321 -15.45 39.86 -9.26
N LEU A 322 -15.75 38.74 -9.94
CA LEU A 322 -15.93 38.78 -11.37
C LEU A 322 -17.12 39.68 -11.72
N ALA A 323 -17.01 40.36 -12.85
CA ALA A 323 -18.08 41.26 -13.28
C ALA A 323 -19.36 40.49 -13.56
N THR A 324 -19.25 39.30 -14.13
CA THR A 324 -20.37 38.42 -14.41
C THR A 324 -20.15 37.10 -13.70
N TRP A 325 -21.22 36.53 -13.14
CA TRP A 325 -21.10 35.23 -12.48
C TRP A 325 -22.35 34.44 -12.84
N PRO A 326 -22.22 33.18 -13.24
CA PRO A 326 -23.40 32.40 -13.63
C PRO A 326 -24.19 31.99 -12.40
N GLU A 327 -25.51 32.02 -12.54
CA GLU A 327 -26.35 31.36 -11.54
C GLU A 327 -26.02 29.88 -11.52
N GLY A 328 -26.13 29.28 -10.33
CA GLY A 328 -25.97 27.85 -10.20
C GLY A 328 -24.54 27.34 -10.25
N LEU A 329 -23.53 28.18 -10.03
CA LEU A 329 -22.14 27.73 -10.01
C LEU A 329 -21.42 28.27 -8.79
N VAL A 330 -20.76 27.38 -8.05
CA VAL A 330 -19.97 27.76 -6.88
C VAL A 330 -18.64 27.02 -6.94
N VAL A 331 -17.55 27.68 -6.52
CA VAL A 331 -16.23 27.08 -6.46
C VAL A 331 -15.72 27.19 -5.03
N LEU A 332 -15.26 26.07 -4.46
CA LEU A 332 -14.74 26.15 -3.10
C LEU A 332 -13.68 25.09 -2.86
N GLY A 333 -12.97 25.25 -1.75
CA GLY A 333 -11.83 24.42 -1.43
C GLY A 333 -10.57 24.97 -2.08
N ASP A 334 -9.58 24.08 -2.26
CA ASP A 334 -8.34 24.51 -2.90
C ASP A 334 -8.58 25.08 -4.30
N ALA A 335 -9.74 24.77 -4.92
CA ALA A 335 -10.04 25.29 -6.25
C ALA A 335 -10.21 26.79 -6.26
N VAL A 336 -10.61 27.39 -5.14
CA VAL A 336 -10.74 28.84 -5.07
C VAL A 336 -9.60 29.48 -4.30
N ALA A 337 -9.09 28.83 -3.24
CA ALA A 337 -8.01 29.40 -2.44
C ALA A 337 -7.17 28.27 -1.89
N ALA A 338 -5.86 28.28 -2.15
CA ALA A 338 -4.96 27.25 -1.69
C ALA A 338 -3.81 27.91 -0.96
N PHE A 339 -3.28 27.23 0.06
CA PHE A 339 -2.38 27.85 1.01
C PHE A 339 -1.08 27.07 1.14
N ASN A 340 -0.04 27.76 1.61
CA ASN A 340 1.17 27.09 2.04
C ASN A 340 0.82 26.13 3.16
N PRO A 341 1.06 24.82 3.00
CA PRO A 341 0.57 23.85 3.98
C PRO A 341 1.28 23.90 5.32
N VAL A 342 2.42 24.60 5.44
CA VAL A 342 3.09 24.61 6.74
C VAL A 342 2.20 25.23 7.81
N TYR A 343 1.21 26.04 7.43
CA TYR A 343 0.32 26.62 8.42
C TYR A 343 -0.83 25.69 8.77
N GLY A 344 -1.11 24.70 7.93
CA GLY A 344 -2.04 23.63 8.25
C GLY A 344 -3.51 23.99 8.23
N HIS A 345 -3.92 24.91 7.34
CA HIS A 345 -5.29 25.41 7.37
C HIS A 345 -6.19 24.88 6.25
N GLY A 346 -5.64 24.25 5.20
CA GLY A 346 -6.42 24.02 3.99
C GLY A 346 -7.73 23.28 4.22
N MET A 347 -7.68 22.19 4.98
CA MET A 347 -8.91 21.42 5.23
C MET A 347 -9.91 22.19 6.08
N SER A 348 -9.42 23.01 7.02
CA SER A 348 -10.34 23.78 7.85
C SER A 348 -10.95 24.94 7.08
N ALA A 349 -10.19 25.55 6.17
CA ALA A 349 -10.76 26.57 5.30
C ALA A 349 -11.82 25.99 4.39
N ALA A 350 -11.60 24.79 3.86
CA ALA A 350 -12.61 24.14 3.05
C ALA A 350 -13.89 23.92 3.85
N ALA A 351 -13.76 23.46 5.09
CA ALA A 351 -14.95 23.21 5.90
C ALA A 351 -15.71 24.50 6.19
N HIS A 352 -14.99 25.57 6.55
CA HIS A 352 -15.63 26.87 6.76
C HIS A 352 -16.38 27.32 5.49
N SER A 353 -15.77 27.05 4.33
CA SER A 353 -16.39 27.39 3.05
C SER A 353 -17.69 26.60 2.84
N VAL A 354 -17.69 25.31 3.16
CA VAL A 354 -18.92 24.53 3.03
C VAL A 354 -20.01 25.13 3.91
N LEU A 355 -19.66 25.52 5.13
CA LEU A 355 -20.67 26.14 5.98
C LEU A 355 -21.14 27.48 5.43
N ALA A 356 -20.25 28.21 4.76
CA ALA A 356 -20.69 29.47 4.15
C ALA A 356 -21.73 29.21 3.07
N LEU A 357 -21.50 28.21 2.21
CA LEU A 357 -22.50 27.85 1.23
C LEU A 357 -23.80 27.41 1.91
N ARG A 358 -23.70 26.59 2.96
CA ARG A 358 -24.91 26.16 3.64
C ARG A 358 -25.69 27.35 4.20
N SER A 359 -24.98 28.33 4.77
CA SER A 359 -25.66 29.52 5.30
C SER A 359 -26.45 30.21 4.20
N GLN A 360 -25.86 30.36 3.01
CA GLN A 360 -26.56 31.07 1.94
C GLN A 360 -27.73 30.25 1.40
N LEU A 361 -27.56 28.92 1.33
CA LEU A 361 -28.69 28.06 0.96
C LEU A 361 -29.86 28.25 1.91
N GLY A 362 -29.59 28.35 3.22
CA GLY A 362 -30.67 28.52 4.16
C GLY A 362 -31.35 29.87 4.06
N GLN A 363 -30.61 30.88 3.59
CA GLN A 363 -31.16 32.22 3.52
C GLN A 363 -31.88 32.49 2.20
N ARG A 364 -31.33 31.99 1.10
CA ARG A 364 -31.79 32.37 -0.23
C ARG A 364 -32.35 31.22 -1.03
N ALA A 365 -32.35 30.00 -0.47
CA ALA A 365 -32.82 28.79 -1.17
C ALA A 365 -32.13 28.75 -2.52
N PHE A 366 -32.85 28.57 -3.62
CA PHE A 366 -32.23 28.53 -4.94
C PHE A 366 -32.67 29.73 -5.78
N GLN A 367 -32.96 30.84 -5.12
CA GLN A 367 -33.32 32.07 -5.82
C GLN A 367 -32.12 32.58 -6.62
N PRO A 368 -32.37 33.36 -7.66
CA PRO A 368 -31.25 33.98 -8.37
C PRO A 368 -30.49 34.87 -7.40
N GLY A 369 -29.18 34.80 -7.49
CA GLY A 369 -28.32 35.45 -6.53
C GLY A 369 -27.69 34.50 -5.53
N LEU A 370 -28.18 33.26 -5.43
CA LEU A 370 -27.60 32.30 -4.50
C LEU A 370 -26.13 32.06 -4.79
N ALA A 371 -25.79 31.69 -6.02
CA ALA A 371 -24.40 31.32 -6.31
C ALA A 371 -23.45 32.47 -6.05
N ARG A 372 -23.82 33.68 -6.48
CA ARG A 372 -22.98 34.84 -6.25
C ARG A 372 -22.82 35.12 -4.76
N ALA A 373 -23.93 35.06 -4.02
CA ALA A 373 -23.85 35.28 -2.57
C ALA A 373 -22.96 34.24 -1.91
N ALA A 374 -23.08 32.98 -2.34
CA ALA A 374 -22.21 31.94 -1.79
C ALA A 374 -20.75 32.21 -2.13
N GLN A 375 -20.46 32.59 -3.36
CA GLN A 375 -19.07 32.84 -3.75
C GLN A 375 -18.46 33.97 -2.93
N ARG A 376 -19.24 35.03 -2.67
CA ARG A 376 -18.74 36.11 -1.81
C ARG A 376 -18.55 35.63 -0.38
N ALA A 377 -19.49 34.82 0.11
CA ALA A 377 -19.38 34.29 1.48
C ALA A 377 -18.20 33.33 1.62
N ILE A 378 -17.88 32.60 0.54
CA ILE A 378 -16.74 31.70 0.55
C ILE A 378 -15.44 32.49 0.60
N ALA A 379 -15.40 33.62 -0.10
CA ALA A 379 -14.23 34.51 -0.04
C ALA A 379 -13.98 35.01 1.37
N VAL A 380 -15.05 35.35 2.09
CA VAL A 380 -14.90 35.74 3.50
C VAL A 380 -14.42 34.55 4.33
N ALA A 381 -14.95 33.36 4.07
CA ALA A 381 -14.66 32.20 4.90
C ALA A 381 -13.19 31.80 4.85
N VAL A 382 -12.51 31.98 3.71
CA VAL A 382 -11.11 31.60 3.60
C VAL A 382 -10.16 32.72 3.94
N ASP A 383 -10.67 33.92 4.23
CA ASP A 383 -9.79 35.09 4.33
C ASP A 383 -8.83 35.01 5.51
N ASP A 384 -9.27 34.47 6.65
CA ASP A 384 -8.36 34.41 7.80
C ASP A 384 -7.19 33.47 7.51
N ALA A 385 -7.47 32.28 6.99
CA ALA A 385 -6.40 31.37 6.60
C ALA A 385 -5.48 32.02 5.59
N TRP A 386 -6.06 32.81 4.67
CA TRP A 386 -5.27 33.44 3.63
C TRP A 386 -4.28 34.44 4.23
N VAL A 387 -4.78 35.28 5.15
CA VAL A 387 -3.94 36.30 5.76
C VAL A 387 -2.86 35.66 6.64
N LEU A 388 -3.21 34.61 7.39
CA LEU A 388 -2.23 33.99 8.29
C LEU A 388 -1.05 33.43 7.51
N ALA A 389 -1.32 32.77 6.38
CA ALA A 389 -0.25 32.19 5.59
C ALA A 389 0.54 33.27 4.85
N THR A 390 -0.16 34.17 4.14
CA THR A 390 0.54 35.11 3.26
C THR A 390 1.31 36.14 4.07
N SER A 391 0.80 36.55 5.23
CA SER A 391 1.50 37.56 6.00
C SER A 391 2.84 37.03 6.51
N HIS A 392 2.96 35.73 6.70
CA HIS A 392 4.21 35.15 7.17
C HIS A 392 5.12 34.66 6.06
N ASP A 393 4.60 34.47 4.85
CA ASP A 393 5.44 34.02 3.74
C ASP A 393 6.07 35.17 2.99
N ILE A 394 5.41 36.34 3.00
CA ILE A 394 5.81 37.42 2.10
C ILE A 394 7.22 37.89 2.38
N GLY A 395 7.74 37.67 3.59
CA GLY A 395 9.03 38.18 3.99
C GLY A 395 10.25 37.36 3.63
N TYR A 396 10.08 36.11 3.17
CA TYR A 396 11.25 35.26 2.96
C TYR A 396 12.03 35.72 1.73
N PRO A 397 13.35 35.52 1.73
CA PRO A 397 14.16 35.95 0.58
C PRO A 397 13.67 35.33 -0.73
N GLY A 398 13.62 36.17 -1.76
CA GLY A 398 13.25 35.66 -3.06
C GLY A 398 11.80 35.30 -3.22
N CYS A 399 10.95 35.66 -2.27
CA CYS A 399 9.52 35.39 -2.41
C CYS A 399 8.97 36.10 -3.64
N ARG A 400 8.14 35.38 -4.40
CA ARG A 400 7.51 35.92 -5.59
C ARG A 400 6.05 36.22 -5.26
N THR A 401 5.59 37.42 -5.61
CA THR A 401 4.24 37.82 -5.24
C THR A 401 3.50 38.45 -6.41
N GLN A 402 2.17 38.33 -6.34
CA GLN A 402 1.25 39.01 -7.24
C GLN A 402 -0.03 39.26 -6.45
N THR A 403 -0.26 40.51 -6.06
CA THR A 403 -1.38 40.85 -5.19
C THR A 403 -1.69 42.33 -5.32
N ARG A 404 -2.94 42.69 -4.99
CA ARG A 404 -3.34 44.08 -4.81
C ARG A 404 -3.88 44.33 -3.41
N ASP A 405 -3.69 43.40 -2.50
CA ASP A 405 -4.22 43.47 -1.14
C ASP A 405 -3.37 44.39 -0.27
N PRO A 406 -3.91 45.54 0.16
CA PRO A 406 -3.11 46.48 0.96
C PRO A 406 -2.66 45.91 2.29
N ARG A 407 -3.28 44.84 2.77
CA ARG A 407 -2.75 44.20 3.97
C ARG A 407 -1.37 43.59 3.72
N LEU A 408 -1.08 43.24 2.47
CA LEU A 408 0.21 42.73 2.06
C LEU A 408 1.12 43.80 1.44
N THR A 409 0.55 44.87 0.89
CA THR A 409 1.35 45.83 0.14
C THR A 409 1.57 47.13 0.88
N ARG A 410 0.70 47.49 1.82
CA ARG A 410 0.80 48.76 2.53
C ARG A 410 1.04 48.60 4.02
N HIS A 411 0.26 47.77 4.68
CA HIS A 411 0.23 47.68 6.13
C HIS A 411 0.77 46.34 6.62
N ALA A 412 1.68 45.74 5.85
CA ALA A 412 2.31 44.50 6.27
C ALA A 412 3.21 44.69 7.49
N GLY A 413 3.89 45.83 7.60
CA GLY A 413 4.83 46.00 8.71
C GLY A 413 4.15 46.10 10.07
N GLU A 414 3.19 47.01 10.22
CA GLU A 414 2.54 47.20 11.52
C GLU A 414 1.63 46.03 11.86
N ARG A 415 1.08 45.36 10.86
CA ARG A 415 0.39 44.10 11.11
C ARG A 415 1.37 43.06 11.64
N GLN A 416 2.60 43.05 11.13
CA GLN A 416 3.63 42.13 11.63
C GLN A 416 4.07 42.50 13.03
N ARG A 417 4.21 43.81 13.32
CA ARG A 417 4.60 44.23 14.66
C ARG A 417 3.54 43.84 15.68
N VAL A 418 2.27 43.92 15.29
CA VAL A 418 1.21 43.44 16.17
C VAL A 418 1.24 41.91 16.25
N THR A 419 1.41 41.24 15.11
CA THR A 419 1.52 39.78 15.08
C THR A 419 2.64 39.29 15.99
N ASP A 420 3.81 39.90 15.89
CA ASP A 420 4.98 39.42 16.63
C ASP A 420 4.84 39.67 18.12
N LEU A 421 4.20 40.78 18.50
CA LEU A 421 3.98 41.05 19.91
C LEU A 421 3.01 40.02 20.50
N VAL A 422 1.96 39.68 19.76
CA VAL A 422 1.06 38.62 20.18
C VAL A 422 1.77 37.26 20.18
N GLY A 423 2.52 36.95 19.12
CA GLY A 423 3.15 35.64 19.02
C GLY A 423 4.21 35.43 20.08
N LEU A 424 5.01 36.46 20.36
CA LEU A 424 6.00 36.37 21.42
C LEU A 424 5.34 36.19 22.79
N THR A 425 4.31 36.99 23.07
CA THR A 425 3.68 36.91 24.39
C THR A 425 2.90 35.62 24.56
N ALA A 426 2.39 35.07 23.46
CA ALA A 426 1.65 33.81 23.54
C ALA A 426 2.53 32.68 24.04
N THR A 427 3.85 32.72 23.77
CA THR A 427 4.72 31.64 24.25
C THR A 427 4.79 31.60 25.77
N ARG A 428 4.48 32.70 26.47
CA ARG A 428 4.70 32.72 27.91
C ARG A 428 3.53 33.28 28.71
N ASN A 429 2.34 33.37 28.10
CA ASN A 429 1.16 33.94 28.75
C ASN A 429 -0.06 33.11 28.36
N GLN A 430 -0.77 32.56 29.36
CA GLN A 430 -1.82 31.59 29.05
C GLN A 430 -3.02 32.26 28.36
N VAL A 431 -3.37 33.47 28.75
CA VAL A 431 -4.53 34.12 28.15
C VAL A 431 -4.24 34.53 26.71
N VAL A 432 -3.06 35.09 26.45
CA VAL A 432 -2.71 35.44 25.07
C VAL A 432 -2.63 34.17 24.21
N ASN A 433 -2.01 33.12 24.74
CA ASN A 433 -1.91 31.87 23.98
C ASN A 433 -3.31 31.34 23.63
N ARG A 434 -4.24 31.37 24.59
CA ARG A 434 -5.59 30.89 24.29
C ARG A 434 -6.20 31.66 23.14
N ALA A 435 -6.04 32.97 23.11
CA ALA A 435 -6.58 33.78 22.02
C ALA A 435 -5.83 33.51 20.73
N ALA A 436 -4.50 33.37 20.80
CA ALA A 436 -3.73 33.12 19.60
C ALA A 436 -4.08 31.77 18.98
N VAL A 437 -4.24 30.74 19.81
CA VAL A 437 -4.51 29.42 19.22
C VAL A 437 -5.96 29.33 18.77
N ALA A 438 -6.88 30.06 19.42
CA ALA A 438 -8.24 30.11 18.90
C ALA A 438 -8.24 30.63 17.47
N LEU A 439 -7.47 31.68 17.21
CA LEU A 439 -7.39 32.19 15.85
C LEU A 439 -6.65 31.22 14.95
N ASN A 440 -5.53 30.66 15.42
CA ASN A 440 -4.70 29.86 14.51
C ASN A 440 -5.36 28.53 14.16
N THR A 441 -6.21 28.00 15.03
CA THR A 441 -6.96 26.80 14.68
C THR A 441 -8.22 27.12 13.89
N LEU A 442 -8.42 28.38 13.53
CA LEU A 442 -9.63 28.88 12.87
C LEU A 442 -10.89 28.58 13.67
N SER A 443 -10.76 28.60 15.00
CA SER A 443 -11.91 28.51 15.89
C SER A 443 -12.51 29.87 16.19
N ALA A 444 -11.78 30.94 15.90
CA ALA A 444 -12.27 32.30 16.13
C ALA A 444 -11.74 33.18 15.01
N GLY A 445 -12.43 34.30 14.80
CA GLY A 445 -12.07 35.20 13.72
C GLY A 445 -10.94 36.14 14.08
N MET A 446 -10.42 36.79 13.03
CA MET A 446 -9.28 37.68 13.21
C MET A 446 -9.60 38.81 14.19
N ALA A 447 -10.86 39.26 14.22
CA ALA A 447 -11.22 40.40 15.06
C ALA A 447 -11.10 40.08 16.55
N SER A 448 -11.43 38.85 16.94
CA SER A 448 -11.21 38.31 18.28
C SER A 448 -9.92 38.79 18.94
N MET A 449 -8.85 38.93 18.14
CA MET A 449 -7.57 39.36 18.70
C MET A 449 -7.57 40.82 19.12
N GLN A 450 -8.54 41.61 18.65
CA GLN A 450 -8.69 43.00 19.05
C GLN A 450 -9.56 43.15 20.29
N ASP A 451 -9.92 42.05 20.94
CA ASP A 451 -10.69 42.14 22.17
C ASP A 451 -9.86 42.83 23.25
N PRO A 452 -10.46 43.75 24.01
CA PRO A 452 -9.68 44.46 25.04
C PRO A 452 -8.98 43.53 26.02
N ALA A 453 -9.61 42.42 26.41
CA ALA A 453 -8.98 41.50 27.36
C ALA A 453 -7.72 40.87 26.80
N VAL A 454 -7.68 40.62 25.49
CA VAL A 454 -6.49 40.01 24.90
C VAL A 454 -5.32 40.99 24.87
N MET A 455 -5.55 42.20 24.38
CA MET A 455 -4.46 43.17 24.36
C MET A 455 -4.03 43.57 25.77
N ALA A 456 -4.94 43.46 26.75
CA ALA A 456 -4.55 43.69 28.14
C ALA A 456 -3.59 42.62 28.63
N ALA A 457 -3.91 41.35 28.36
CA ALA A 457 -3.00 40.27 28.74
C ALA A 457 -1.68 40.41 28.00
N VAL A 458 -1.72 40.85 26.74
CA VAL A 458 -0.48 41.09 26.00
C VAL A 458 0.39 42.09 26.74
N ARG A 459 -0.22 43.18 27.23
CA ARG A 459 0.55 44.20 27.94
C ARG A 459 1.00 43.73 29.31
N ARG A 460 0.28 42.78 29.92
CA ARG A 460 0.72 42.22 31.19
C ARG A 460 1.99 41.39 31.03
N GLY A 461 2.21 40.84 29.83
CA GLY A 461 3.46 40.19 29.52
C GLY A 461 3.57 38.75 30.01
N PRO A 462 4.79 38.23 30.01
CA PRO A 462 5.00 36.82 30.35
C PRO A 462 4.68 36.50 31.80
N GLU A 463 4.05 35.35 32.01
CA GLU A 463 3.75 34.81 33.32
C GLU A 463 4.64 33.63 33.70
N VAL A 464 5.39 33.09 32.75
CA VAL A 464 6.33 32.00 33.00
C VAL A 464 7.66 32.35 32.36
N PRO A 465 8.75 31.75 32.82
CA PRO A 465 10.02 31.93 32.13
C PRO A 465 9.99 31.32 30.74
N ALA A 466 10.82 31.84 29.87
CA ALA A 466 11.00 31.20 28.57
C ALA A 466 11.67 29.84 28.78
N PRO A 467 11.12 28.75 28.25
CA PRO A 467 11.80 27.47 28.38
C PRO A 467 13.21 27.57 27.82
N THR A 468 14.15 26.92 28.51
CA THR A 468 15.55 26.94 28.08
C THR A 468 15.93 25.67 27.32
N GLU A 469 15.04 24.69 27.25
CA GLU A 469 15.25 23.44 26.52
C GLU A 469 13.88 23.01 26.02
N PRO A 470 13.83 22.08 25.06
CA PRO A 470 12.54 21.57 24.59
C PRO A 470 11.65 21.17 25.77
N PRO A 471 10.43 21.68 25.85
CA PRO A 471 9.57 21.35 27.01
C PRO A 471 8.97 19.95 26.93
N LEU A 472 9.84 18.95 26.88
CA LEU A 472 9.38 17.58 26.88
C LEU A 472 9.13 17.11 28.30
N ARG A 473 8.14 16.24 28.46
CA ARG A 473 7.91 15.66 29.78
C ARG A 473 8.82 14.46 29.98
N PRO A 474 9.31 14.24 31.20
CA PRO A 474 10.10 13.03 31.47
C PRO A 474 9.37 11.77 31.04
N ASP A 475 8.06 11.67 31.32
CA ASP A 475 7.36 10.45 30.97
C ASP A 475 7.14 10.31 29.47
N GLU A 476 7.32 11.37 28.69
CA GLU A 476 7.29 11.24 27.24
C GLU A 476 8.62 10.69 26.71
N VAL A 477 9.74 11.24 27.18
CA VAL A 477 11.04 10.77 26.69
C VAL A 477 11.35 9.39 27.22
N ALA A 478 10.83 9.02 28.38
CA ALA A 478 11.02 7.66 28.88
C ALA A 478 10.50 6.62 27.90
N ARG A 479 9.49 6.97 27.11
CA ARG A 479 8.89 6.01 26.21
C ARG A 479 9.60 5.97 24.86
N LEU A 480 10.73 6.65 24.73
CA LEU A 480 11.52 6.56 23.51
C LEU A 480 12.45 5.36 23.49
N VAL A 481 12.59 4.64 24.59
CA VAL A 481 13.39 3.42 24.63
C VAL A 481 12.52 2.30 25.19
N SER A 482 12.91 1.06 24.88
CA SER A 482 12.15 -0.10 25.33
C SER A 482 12.60 -0.65 26.68
N GLY A 483 13.88 -0.54 27.01
CA GLY A 483 14.44 -1.25 28.15
C GLY A 483 14.78 -2.71 27.88
N ALA A 484 14.78 -3.14 26.62
CA ALA A 484 14.88 -4.56 26.29
C ALA A 484 16.20 -5.18 26.76
N GLY A 485 17.34 -4.53 26.46
CA GLY A 485 18.65 -5.11 26.76
C GLY A 485 19.10 -5.03 28.21
N VAL A 486 18.13 -4.98 29.13
CA VAL A 486 18.39 -4.75 30.55
C VAL A 486 17.75 -5.86 31.37
N THR A 487 18.55 -6.54 32.19
CA THR A 487 17.99 -7.55 33.09
C THR A 487 17.31 -6.85 34.27
N THR B 20 22.30 -24.41 22.55
CA THR B 20 23.63 -24.64 22.01
C THR B 20 23.59 -24.70 20.48
N ARG B 21 24.74 -24.46 19.85
CA ARG B 21 24.90 -24.37 18.39
C ARG B 21 24.19 -23.12 17.86
N SER B 22 24.63 -22.62 16.71
CA SER B 22 24.03 -21.45 16.12
C SER B 22 23.90 -21.67 14.62
N ALA B 23 22.85 -21.09 14.04
CA ALA B 23 22.63 -21.17 12.60
C ALA B 23 22.47 -19.77 12.05
N VAL B 24 22.93 -19.59 10.82
CA VAL B 24 22.68 -18.36 10.08
C VAL B 24 21.91 -18.72 8.83
N VAL B 25 20.87 -17.96 8.55
CA VAL B 25 20.00 -18.19 7.41
C VAL B 25 20.11 -16.97 6.49
N LEU B 26 20.45 -17.22 5.22
CA LEU B 26 20.58 -16.15 4.25
C LEU B 26 19.25 -16.02 3.51
N GLY B 27 18.60 -14.86 3.65
CA GLY B 27 17.31 -14.64 3.03
C GLY B 27 16.15 -14.91 3.97
N GLY B 28 15.29 -13.91 4.18
CA GLY B 28 14.17 -14.04 5.08
C GLY B 28 12.82 -14.09 4.39
N GLY B 29 12.78 -14.75 3.24
CA GLY B 29 11.53 -15.01 2.52
C GLY B 29 10.86 -16.26 3.03
N MET B 30 10.12 -16.93 2.15
CA MET B 30 9.32 -18.07 2.61
C MET B 30 10.20 -19.20 3.15
N ALA B 31 11.18 -19.63 2.35
CA ALA B 31 12.02 -20.74 2.81
C ALA B 31 12.84 -20.33 4.04
N GLY B 32 13.33 -19.10 4.06
CA GLY B 32 14.12 -18.67 5.20
C GLY B 32 13.32 -18.64 6.50
N MET B 33 12.08 -18.15 6.44
CA MET B 33 11.27 -18.11 7.65
C MET B 33 10.90 -19.51 8.11
N LEU B 34 10.48 -20.37 7.17
CA LEU B 34 10.14 -21.75 7.52
C LEU B 34 11.35 -22.48 8.07
N VAL B 35 12.50 -22.35 7.41
CA VAL B 35 13.65 -23.09 7.90
C VAL B 35 14.10 -22.54 9.26
N SER B 36 13.96 -21.23 9.48
CA SER B 36 14.36 -20.65 10.76
C SER B 36 13.47 -21.15 11.90
N SER B 37 12.15 -21.18 11.66
CA SER B 37 11.23 -21.74 12.66
C SER B 37 11.62 -23.16 13.03
N MET B 38 11.97 -23.98 12.04
CA MET B 38 12.39 -25.35 12.31
C MET B 38 13.71 -25.38 13.07
N LEU B 39 14.69 -24.59 12.59
CA LEU B 39 16.03 -24.67 13.18
C LEU B 39 16.05 -24.23 14.64
N ALA B 40 15.22 -23.25 15.00
CA ALA B 40 15.21 -22.77 16.38
C ALA B 40 14.80 -23.84 17.38
N ARG B 41 14.24 -24.96 16.92
CA ARG B 41 13.96 -26.07 17.82
C ARG B 41 15.12 -27.04 17.91
N HIS B 42 16.20 -26.81 17.16
CA HIS B 42 17.36 -27.69 17.19
C HIS B 42 18.65 -26.98 17.57
N VAL B 43 18.72 -25.66 17.47
CA VAL B 43 19.92 -24.90 17.80
C VAL B 43 19.55 -23.79 18.78
N GLY B 44 20.58 -23.20 19.38
CA GLY B 44 20.36 -22.19 20.39
C GLY B 44 19.88 -20.87 19.84
N SER B 45 20.33 -20.49 18.64
CA SER B 45 19.91 -19.21 18.08
C SER B 45 20.02 -19.26 16.56
N VAL B 46 19.13 -18.50 15.89
CA VAL B 46 19.10 -18.38 14.43
C VAL B 46 19.20 -16.90 14.07
N THR B 47 20.10 -16.56 13.17
CA THR B 47 20.23 -15.20 12.66
C THR B 47 19.93 -15.22 11.17
N VAL B 48 18.96 -14.40 10.75
CA VAL B 48 18.51 -14.33 9.36
C VAL B 48 19.03 -13.03 8.77
N ILE B 49 19.79 -13.14 7.68
CA ILE B 49 20.40 -12.00 7.00
C ILE B 49 19.66 -11.77 5.70
N ASP B 50 19.19 -10.53 5.48
CA ASP B 50 18.50 -10.19 4.24
C ASP B 50 18.89 -8.77 3.83
N ARG B 51 19.13 -8.55 2.53
CA ARG B 51 19.48 -7.22 2.04
C ARG B 51 18.27 -6.30 1.87
N ASP B 52 17.06 -6.82 1.98
CA ASP B 52 15.85 -6.02 1.76
C ASP B 52 15.43 -5.34 3.07
N ALA B 53 14.53 -4.37 2.95
CA ALA B 53 13.84 -3.79 4.10
C ALA B 53 12.45 -4.40 4.20
N PHE B 54 12.00 -4.65 5.43
CA PHE B 54 10.77 -5.42 5.61
C PHE B 54 9.65 -4.55 6.13
N PRO B 55 8.47 -4.59 5.52
CA PRO B 55 7.37 -3.76 6.00
C PRO B 55 6.76 -4.28 7.28
N ALA B 56 6.19 -3.36 8.05
CA ALA B 56 5.47 -3.71 9.27
C ALA B 56 4.11 -4.32 9.00
N GLY B 57 3.67 -4.33 7.74
CA GLY B 57 2.40 -4.90 7.39
C GLY B 57 2.47 -5.75 6.13
N PRO B 58 1.33 -6.27 5.70
CA PRO B 58 1.30 -7.16 4.51
C PRO B 58 1.45 -6.40 3.19
N ASP B 59 2.63 -5.83 2.97
CA ASP B 59 2.89 -5.05 1.77
C ASP B 59 3.89 -5.74 0.87
N LEU B 60 3.87 -5.38 -0.41
CA LEU B 60 4.89 -5.81 -1.35
C LEU B 60 6.24 -5.24 -0.96
N ARG B 61 7.30 -5.98 -1.29
CA ARG B 61 8.66 -5.49 -1.05
C ARG B 61 9.55 -5.93 -2.20
N LYS B 62 10.64 -5.18 -2.39
CA LYS B 62 11.47 -5.37 -3.58
C LYS B 62 12.15 -6.73 -3.60
N GLY B 63 12.39 -7.33 -2.43
CA GLY B 63 13.08 -8.62 -2.37
C GLY B 63 12.22 -9.80 -2.77
N VAL B 64 10.90 -9.62 -2.86
CA VAL B 64 9.98 -10.67 -3.29
C VAL B 64 9.13 -10.07 -4.39
N PRO B 65 9.71 -9.78 -5.56
CA PRO B 65 8.91 -9.15 -6.63
C PRO B 65 7.80 -10.04 -7.15
N GLN B 66 7.94 -11.36 -7.03
CA GLN B 66 6.92 -12.27 -7.52
C GLN B 66 5.61 -12.13 -6.76
N ALA B 67 5.61 -11.45 -5.61
CA ALA B 67 4.38 -11.32 -4.84
C ALA B 67 3.32 -10.53 -5.57
N ARG B 68 3.66 -9.93 -6.71
CA ARG B 68 2.67 -9.23 -7.50
C ARG B 68 1.78 -10.16 -8.30
N HIS B 69 2.06 -11.47 -8.31
CA HIS B 69 1.34 -12.43 -9.12
C HIS B 69 0.65 -13.48 -8.25
N ALA B 70 -0.37 -14.14 -8.81
CA ALA B 70 -1.15 -15.10 -8.06
C ALA B 70 -0.27 -16.19 -7.49
N HIS B 71 -0.47 -16.50 -6.21
CA HIS B 71 0.24 -17.58 -5.53
C HIS B 71 -0.78 -18.54 -4.94
N ILE B 72 -0.71 -19.80 -5.36
CA ILE B 72 -1.51 -20.88 -4.79
C ILE B 72 -0.65 -21.64 -3.79
N LEU B 73 -1.16 -21.81 -2.56
CA LEU B 73 -0.48 -22.62 -1.55
C LEU B 73 -1.20 -23.95 -1.48
N TRP B 74 -0.63 -24.97 -2.12
CA TRP B 74 -1.27 -26.28 -2.13
C TRP B 74 -1.24 -26.90 -0.74
N SER B 75 -2.21 -27.78 -0.48
CA SER B 75 -2.28 -28.50 0.78
C SER B 75 -0.94 -29.09 1.22
N GLY B 76 -0.17 -29.67 0.29
CA GLY B 76 1.12 -30.25 0.68
C GLY B 76 2.02 -29.25 1.39
N GLY B 77 2.10 -28.03 0.87
CA GLY B 77 2.85 -26.97 1.54
C GLY B 77 2.10 -26.39 2.73
N ALA B 78 0.78 -26.23 2.61
CA ALA B 78 0.01 -25.61 3.70
C ALA B 78 0.07 -26.47 4.97
N ARG B 79 0.01 -27.79 4.82
CA ARG B 79 0.06 -28.65 6.01
C ARG B 79 1.42 -28.55 6.69
N ILE B 80 2.48 -28.32 5.93
CA ILE B 80 3.81 -28.21 6.52
C ILE B 80 3.97 -26.85 7.22
N VAL B 81 3.49 -25.78 6.58
CA VAL B 81 3.45 -24.47 7.22
C VAL B 81 2.71 -24.56 8.54
N GLU B 82 1.60 -25.29 8.56
CA GLU B 82 0.82 -25.44 9.79
C GLU B 82 1.59 -26.26 10.83
N GLU B 83 2.32 -27.30 10.41
CA GLU B 83 3.08 -28.08 11.37
C GLU B 83 4.19 -27.26 12.00
N LEU B 84 4.89 -26.47 11.19
CA LEU B 84 6.02 -25.68 11.70
C LEU B 84 5.57 -24.45 12.48
N LEU B 85 4.45 -23.86 12.09
CA LEU B 85 3.92 -22.63 12.70
C LEU B 85 2.45 -22.86 13.02
N PRO B 86 2.14 -23.68 14.03
CA PRO B 86 0.73 -23.95 14.35
C PRO B 86 -0.02 -22.66 14.58
N GLY B 87 -1.27 -22.63 14.07
CA GLY B 87 -2.13 -21.46 14.16
C GLY B 87 -2.08 -20.58 12.93
N THR B 88 -1.13 -20.82 12.03
CA THR B 88 -0.99 -19.91 10.89
C THR B 88 -2.22 -19.96 10.00
N THR B 89 -2.76 -21.15 9.75
CA THR B 89 -3.91 -21.25 8.87
C THR B 89 -5.07 -20.42 9.42
N ASP B 90 -5.35 -20.57 10.72
CA ASP B 90 -6.42 -19.79 11.31
C ASP B 90 -6.14 -18.29 11.20
N ARG B 91 -4.90 -17.88 11.44
CA ARG B 91 -4.57 -16.46 11.36
C ARG B 91 -4.75 -15.94 9.93
N LEU B 92 -4.38 -16.74 8.94
CA LEU B 92 -4.58 -16.35 7.56
C LEU B 92 -6.07 -16.21 7.26
N LEU B 93 -6.86 -17.24 7.61
CA LEU B 93 -8.30 -17.17 7.38
C LEU B 93 -8.91 -16.00 8.14
N GLY B 94 -8.48 -15.79 9.38
CA GLY B 94 -8.98 -14.64 10.14
C GLY B 94 -8.65 -13.31 9.47
N ALA B 95 -7.64 -13.28 8.61
CA ALA B 95 -7.27 -12.06 7.91
C ALA B 95 -7.88 -11.97 6.53
N GLY B 96 -8.71 -12.94 6.14
CA GLY B 96 -9.41 -12.89 4.86
C GLY B 96 -8.93 -13.85 3.79
N ALA B 97 -7.90 -14.66 4.08
CA ALA B 97 -7.50 -15.71 3.15
C ALA B 97 -8.63 -16.73 3.03
N HIS B 98 -8.66 -17.43 1.90
CA HIS B 98 -9.68 -18.43 1.63
C HIS B 98 -9.07 -19.83 1.65
N ARG B 99 -9.73 -20.76 2.33
CA ARG B 99 -9.43 -22.17 2.14
C ARG B 99 -10.39 -22.72 1.06
N ILE B 100 -9.83 -23.14 -0.07
CA ILE B 100 -10.62 -23.59 -1.21
C ILE B 100 -10.39 -25.08 -1.40
N GLY B 101 -11.45 -25.87 -1.35
CA GLY B 101 -11.31 -27.31 -1.51
C GLY B 101 -11.02 -27.71 -2.95
N ILE B 102 -10.29 -28.81 -3.11
CA ILE B 102 -9.90 -29.31 -4.41
C ILE B 102 -10.41 -30.74 -4.54
N PRO B 103 -11.21 -31.08 -5.57
CA PRO B 103 -11.64 -30.24 -6.69
C PRO B 103 -12.98 -29.54 -6.48
N ASP B 104 -13.59 -29.70 -5.30
CA ASP B 104 -14.96 -29.21 -5.14
C ASP B 104 -15.05 -27.70 -5.28
N GLY B 105 -13.99 -26.99 -4.93
CA GLY B 105 -14.03 -25.54 -4.98
C GLY B 105 -13.29 -24.93 -6.16
N GLN B 106 -13.01 -25.72 -7.20
CA GLN B 106 -12.30 -25.20 -8.35
C GLN B 106 -13.14 -25.41 -9.62
N VAL B 107 -13.06 -24.45 -10.52
CA VAL B 107 -13.69 -24.55 -11.84
C VAL B 107 -12.53 -24.51 -12.82
N SER B 108 -12.15 -25.67 -13.35
CA SER B 108 -10.88 -25.84 -14.07
C SER B 108 -11.10 -26.46 -15.44
N TYR B 109 -10.73 -25.72 -16.48
CA TYR B 109 -10.73 -26.26 -17.85
C TYR B 109 -9.34 -26.84 -18.09
N THR B 110 -9.20 -28.16 -17.87
CA THR B 110 -7.89 -28.78 -18.01
C THR B 110 -7.54 -29.02 -19.47
N ALA B 111 -6.31 -29.48 -19.69
CA ALA B 111 -5.92 -29.92 -21.02
C ALA B 111 -6.86 -30.97 -21.56
N TYR B 112 -7.58 -31.68 -20.69
CA TYR B 112 -8.46 -32.78 -21.08
C TYR B 112 -9.94 -32.44 -20.98
N GLY B 113 -10.29 -31.19 -20.69
CA GLY B 113 -11.68 -30.78 -20.52
C GLY B 113 -11.94 -30.32 -19.10
N TRP B 114 -13.21 -29.98 -18.84
CA TRP B 114 -13.60 -29.52 -17.52
C TRP B 114 -13.44 -30.62 -16.48
N GLN B 115 -12.94 -30.24 -15.32
CA GLN B 115 -12.85 -31.14 -14.18
C GLN B 115 -14.22 -31.19 -13.50
N HIS B 116 -14.78 -32.39 -13.36
CA HIS B 116 -16.00 -32.53 -12.57
C HIS B 116 -15.68 -32.23 -11.12
N ARG B 117 -16.53 -31.46 -10.46
CA ARG B 117 -16.28 -31.01 -9.09
C ARG B 117 -16.76 -32.07 -8.10
N PHE B 118 -15.93 -33.11 -7.94
CA PHE B 118 -16.13 -34.13 -6.91
C PHE B 118 -16.00 -33.51 -5.53
N PRO B 119 -16.41 -34.22 -4.48
CA PRO B 119 -16.21 -33.70 -3.13
C PRO B 119 -14.73 -33.47 -2.81
N GLU B 120 -14.49 -32.69 -1.76
CA GLU B 120 -13.14 -32.28 -1.42
C GLU B 120 -12.22 -33.49 -1.24
N ALA B 121 -11.07 -33.43 -1.90
CA ALA B 121 -10.00 -34.39 -1.66
C ALA B 121 -8.78 -33.72 -1.04
N GLN B 122 -8.40 -32.56 -1.59
CA GLN B 122 -7.30 -31.75 -1.06
C GLN B 122 -7.79 -30.32 -0.90
N PHE B 123 -6.88 -29.38 -0.67
CA PHE B 123 -7.29 -27.98 -0.53
C PHE B 123 -6.11 -27.09 -0.90
N MET B 124 -6.39 -25.79 -0.98
CA MET B 124 -5.33 -24.80 -1.10
C MET B 124 -5.73 -23.59 -0.28
N ILE B 125 -4.76 -22.76 0.04
CA ILE B 125 -4.98 -21.48 0.72
C ILE B 125 -4.77 -20.38 -0.32
N ALA B 126 -5.73 -19.47 -0.44
CA ALA B 126 -5.71 -18.41 -1.44
C ALA B 126 -5.65 -17.06 -0.74
N CYS B 127 -4.54 -16.34 -0.93
CA CYS B 127 -4.42 -14.97 -0.43
C CYS B 127 -3.28 -14.28 -1.16
N SER B 128 -3.15 -12.97 -0.95
CA SER B 128 -1.97 -12.27 -1.45
C SER B 128 -0.69 -12.89 -0.90
N ARG B 129 0.33 -13.02 -1.75
CA ARG B 129 1.62 -13.46 -1.24
C ARG B 129 2.15 -12.51 -0.17
N ALA B 130 1.82 -11.21 -0.29
CA ALA B 130 2.27 -10.25 0.73
C ALA B 130 1.69 -10.59 2.11
N LEU B 131 0.40 -10.94 2.15
CA LEU B 131 -0.22 -11.37 3.40
C LEU B 131 0.37 -12.67 3.92
N LEU B 132 0.57 -13.63 3.02
CA LEU B 132 1.16 -14.89 3.42
C LEU B 132 2.53 -14.67 4.05
N ASP B 133 3.39 -13.89 3.38
CA ASP B 133 4.72 -13.64 3.89
C ASP B 133 4.70 -12.91 5.23
N TRP B 134 3.88 -11.87 5.35
CA TRP B 134 3.83 -11.14 6.61
C TRP B 134 3.39 -12.05 7.75
N THR B 135 2.37 -12.86 7.49
CA THR B 135 1.84 -13.75 8.52
C THR B 135 2.86 -14.79 8.95
N VAL B 136 3.52 -15.41 7.97
CA VAL B 136 4.53 -16.42 8.28
C VAL B 136 5.67 -15.78 9.03
N ARG B 137 6.10 -14.59 8.59
CA ARG B 137 7.20 -13.94 9.27
C ARG B 137 6.83 -13.57 10.70
N GLU B 138 5.64 -12.98 10.89
CA GLU B 138 5.22 -12.61 12.23
C GLU B 138 5.17 -13.83 13.14
N GLU B 139 4.67 -14.96 12.63
CA GLU B 139 4.59 -16.15 13.47
C GLU B 139 5.96 -16.71 13.79
N THR B 140 6.86 -16.74 12.81
CA THR B 140 8.21 -17.25 13.03
C THR B 140 8.94 -16.42 14.06
N LEU B 141 8.85 -15.09 13.96
CA LEU B 141 9.64 -14.21 14.80
C LEU B 141 9.04 -14.03 16.20
N ARG B 142 7.95 -14.73 16.50
CA ARG B 142 7.51 -14.83 17.89
C ARG B 142 8.57 -15.54 18.74
N GLU B 143 9.40 -16.38 18.12
CA GLU B 143 10.51 -17.02 18.82
C GLU B 143 11.67 -16.03 18.94
N GLU B 144 11.94 -15.55 20.16
CA GLU B 144 12.96 -14.52 20.34
C GLU B 144 14.36 -15.02 19.97
N ARG B 145 14.59 -16.32 19.96
CA ARG B 145 15.90 -16.83 19.59
C ARG B 145 16.15 -16.78 18.09
N ILE B 146 15.17 -16.30 17.32
CA ILE B 146 15.34 -15.99 15.90
C ILE B 146 15.38 -14.47 15.75
N ALA B 147 16.40 -13.97 15.07
CA ALA B 147 16.54 -12.54 14.80
C ALA B 147 16.65 -12.32 13.31
N LEU B 148 15.84 -11.40 12.78
CA LEU B 148 15.94 -10.98 11.38
C LEU B 148 16.78 -9.72 11.32
N VAL B 149 17.87 -9.76 10.55
CA VAL B 149 18.80 -8.64 10.38
C VAL B 149 18.61 -8.13 8.94
N GLU B 150 17.88 -7.02 8.79
CA GLU B 150 17.51 -6.45 7.51
C GLU B 150 18.59 -5.54 6.97
N LYS B 151 18.44 -5.17 5.70
CA LYS B 151 19.30 -4.17 5.06
C LYS B 151 20.77 -4.49 5.29
N THR B 152 21.13 -5.75 5.08
CA THR B 152 22.47 -6.25 5.32
C THR B 152 22.88 -7.12 4.13
N GLU B 153 24.05 -6.86 3.59
CA GLU B 153 24.58 -7.61 2.46
C GLU B 153 25.38 -8.80 2.93
N VAL B 154 25.36 -9.86 2.15
CA VAL B 154 26.19 -11.04 2.41
C VAL B 154 27.45 -10.93 1.57
N LEU B 155 28.60 -10.81 2.23
CA LEU B 155 29.86 -10.59 1.51
C LEU B 155 30.56 -11.89 1.15
N ALA B 156 30.61 -12.84 2.08
CA ALA B 156 31.35 -14.07 1.86
C ALA B 156 30.92 -15.10 2.90
N LEU B 157 31.10 -16.37 2.54
CA LEU B 157 31.01 -17.43 3.52
C LEU B 157 32.34 -17.53 4.26
N LEU B 158 32.28 -17.73 5.56
CA LEU B 158 33.48 -17.91 6.36
C LEU B 158 33.90 -19.38 6.33
N GLY B 159 35.21 -19.60 6.43
CA GLY B 159 35.75 -20.95 6.44
C GLY B 159 36.43 -21.28 5.14
N ASP B 160 36.20 -22.48 4.62
CA ASP B 160 36.80 -22.91 3.35
C ASP B 160 35.92 -24.00 2.74
N ALA B 161 36.38 -24.59 1.65
CA ALA B 161 35.58 -25.60 0.96
C ALA B 161 35.31 -26.82 1.84
N GLY B 162 36.09 -27.01 2.90
CA GLY B 162 35.89 -28.12 3.81
C GLY B 162 34.81 -27.90 4.84
N ARG B 163 34.66 -26.66 5.31
CA ARG B 163 33.67 -26.36 6.33
C ARG B 163 33.39 -24.86 6.36
N VAL B 164 32.10 -24.51 6.32
CA VAL B 164 31.68 -23.13 6.45
C VAL B 164 31.43 -22.83 7.91
N THR B 165 31.88 -21.67 8.38
CA THR B 165 31.84 -21.34 9.80
C THR B 165 31.05 -20.06 10.09
N GLY B 166 30.29 -19.55 9.12
CA GLY B 166 29.52 -18.34 9.28
C GLY B 166 29.56 -17.52 8.01
N VAL B 167 29.20 -16.24 8.13
CA VAL B 167 29.21 -15.34 6.99
C VAL B 167 29.75 -13.98 7.42
N ARG B 168 30.39 -13.31 6.47
CA ARG B 168 30.77 -11.91 6.61
C ARG B 168 29.67 -11.08 5.96
N VAL B 169 29.18 -10.06 6.67
CA VAL B 169 28.09 -9.23 6.21
C VAL B 169 28.50 -7.77 6.29
N ARG B 170 27.73 -6.93 5.62
CA ARG B 170 27.98 -5.49 5.59
C ARG B 170 26.66 -4.80 5.85
N ASP B 171 26.58 -4.03 6.94
CA ASP B 171 25.41 -3.21 7.21
C ASP B 171 25.31 -2.11 6.16
N GLN B 172 24.15 -2.02 5.49
CA GLN B 172 24.01 -1.07 4.39
C GLN B 172 24.08 0.37 4.87
N GLU B 173 23.45 0.67 6.01
CA GLU B 173 23.39 2.05 6.47
C GLU B 173 24.74 2.53 6.97
N SER B 174 25.38 1.77 7.86
CA SER B 174 26.69 2.12 8.40
C SER B 174 27.82 1.84 7.40
N GLY B 175 27.73 0.72 6.65
CA GLY B 175 28.86 0.26 5.87
C GLY B 175 29.83 -0.61 6.63
N GLU B 176 29.62 -0.80 7.92
CA GLU B 176 30.51 -1.63 8.72
C GLU B 176 30.32 -3.09 8.36
N GLU B 177 31.43 -3.83 8.36
CA GLU B 177 31.40 -5.25 8.12
C GLU B 177 31.61 -6.00 9.43
N ARG B 178 31.08 -7.22 9.49
CA ARG B 178 31.32 -8.04 10.67
C ARG B 178 31.12 -9.49 10.28
N GLU B 179 31.71 -10.37 11.09
CA GLU B 179 31.56 -11.81 10.93
C GLU B 179 30.45 -12.28 11.87
N VAL B 180 29.55 -13.10 11.34
CA VAL B 180 28.48 -13.70 12.11
C VAL B 180 28.77 -15.20 12.17
N PRO B 181 29.12 -15.75 13.32
CA PRO B 181 29.51 -17.17 13.37
C PRO B 181 28.29 -18.07 13.25
N ALA B 182 28.54 -19.30 12.79
CA ALA B 182 27.48 -20.28 12.62
C ALA B 182 28.06 -21.69 12.58
N ASP B 183 27.35 -22.62 13.20
CA ASP B 183 27.62 -24.03 12.96
C ASP B 183 26.96 -24.53 11.68
N LEU B 184 25.92 -23.84 11.22
CA LEU B 184 25.23 -24.19 9.99
C LEU B 184 24.76 -22.91 9.31
N VAL B 185 25.10 -22.75 8.03
CA VAL B 185 24.60 -21.67 7.21
C VAL B 185 23.62 -22.29 6.21
N VAL B 186 22.43 -21.71 6.09
CA VAL B 186 21.45 -22.14 5.10
C VAL B 186 21.18 -21.00 4.15
N ASP B 187 21.44 -21.22 2.87
CA ASP B 187 21.17 -20.22 1.86
C ASP B 187 19.73 -20.42 1.39
N THR B 188 18.87 -19.46 1.70
CA THR B 188 17.51 -19.42 1.18
C THR B 188 17.25 -18.07 0.52
N THR B 189 18.21 -17.61 -0.32
CA THR B 189 18.08 -16.29 -0.93
C THR B 189 17.31 -16.31 -2.24
N GLY B 190 16.67 -17.44 -2.57
CA GLY B 190 15.70 -17.45 -3.64
C GLY B 190 16.34 -17.55 -5.02
N ARG B 191 15.51 -17.27 -6.01
CA ARG B 191 15.90 -17.45 -7.40
C ARG B 191 17.12 -16.60 -7.75
N GLY B 192 17.25 -15.43 -7.15
CA GLY B 192 18.39 -14.58 -7.43
C GLY B 192 19.56 -14.80 -6.49
N SER B 193 19.70 -16.03 -5.97
CA SER B 193 20.66 -16.29 -4.92
C SER B 193 22.09 -15.99 -5.40
N PRO B 194 22.94 -15.42 -4.54
CA PRO B 194 24.33 -15.16 -4.94
C PRO B 194 25.25 -16.31 -4.56
N SER B 195 24.68 -17.50 -4.36
CA SER B 195 25.51 -18.62 -3.94
C SER B 195 26.46 -19.05 -5.04
N LYS B 196 26.10 -18.85 -6.30
CA LYS B 196 27.05 -19.14 -7.37
C LYS B 196 28.34 -18.36 -7.15
N ARG B 197 28.23 -17.08 -6.77
CA ARG B 197 29.42 -16.29 -6.47
C ARG B 197 30.02 -16.70 -5.13
N LEU B 198 29.19 -16.81 -4.09
CA LEU B 198 29.72 -17.16 -2.77
C LEU B 198 30.46 -18.47 -2.80
N LEU B 199 29.96 -19.45 -3.54
CA LEU B 199 30.58 -20.77 -3.48
C LEU B 199 31.84 -20.85 -4.33
N ALA B 200 31.87 -20.09 -5.43
CA ALA B 200 33.12 -20.00 -6.19
C ALA B 200 34.21 -19.36 -5.34
N GLU B 201 33.88 -18.27 -4.66
CA GLU B 201 34.85 -17.58 -3.81
C GLU B 201 35.31 -18.47 -2.67
N LEU B 202 34.44 -19.36 -2.19
CA LEU B 202 34.83 -20.33 -1.19
C LEU B 202 35.79 -21.39 -1.74
N GLY B 203 35.80 -21.62 -3.05
CA GLY B 203 36.64 -22.63 -3.63
C GLY B 203 35.98 -23.95 -3.96
N LEU B 204 34.70 -23.96 -4.23
CA LEU B 204 33.95 -25.15 -4.59
C LEU B 204 33.83 -25.27 -6.12
N PRO B 205 33.65 -26.49 -6.63
CA PRO B 205 33.42 -26.65 -8.07
C PRO B 205 32.05 -26.15 -8.48
N ALA B 206 31.91 -25.88 -9.76
CA ALA B 206 30.63 -25.38 -10.26
C ALA B 206 29.60 -26.50 -10.33
N PRO B 207 28.38 -26.30 -9.84
CA PRO B 207 27.37 -27.35 -9.92
C PRO B 207 26.84 -27.51 -11.33
N GLU B 208 26.36 -28.71 -11.65
CA GLU B 208 25.60 -28.88 -12.88
C GLU B 208 24.34 -28.05 -12.83
N GLU B 209 24.14 -27.24 -13.87
CA GLU B 209 22.91 -26.48 -14.01
C GLU B 209 21.97 -27.19 -14.97
N GLU B 210 20.73 -27.40 -14.54
CA GLU B 210 19.71 -28.05 -15.34
C GLU B 210 18.57 -27.06 -15.55
N PHE B 211 18.08 -26.94 -16.78
CA PHE B 211 16.92 -26.08 -16.96
C PHE B 211 16.04 -26.54 -18.11
N VAL B 212 14.77 -26.14 -18.00
CA VAL B 212 13.75 -26.30 -19.04
C VAL B 212 13.04 -24.96 -19.13
N ASP B 213 13.22 -24.25 -20.25
CA ASP B 213 12.76 -22.88 -20.39
C ASP B 213 11.75 -22.82 -21.53
N SER B 214 10.46 -22.85 -21.18
CA SER B 214 9.40 -22.67 -22.15
C SER B 214 9.23 -21.23 -22.62
N GLY B 215 9.95 -20.29 -22.01
CA GLY B 215 9.75 -18.87 -22.30
C GLY B 215 8.46 -18.30 -21.75
N MET B 216 7.96 -18.88 -20.67
CA MET B 216 6.68 -18.46 -20.12
C MET B 216 6.76 -17.05 -19.56
N VAL B 217 5.74 -16.25 -19.86
CA VAL B 217 5.63 -14.89 -19.36
C VAL B 217 4.29 -14.76 -18.65
N TYR B 218 4.31 -14.16 -17.46
CA TYR B 218 3.12 -13.89 -16.66
C TYR B 218 2.67 -12.46 -16.87
N ALA B 219 1.35 -12.26 -16.79
CA ALA B 219 0.77 -10.93 -16.71
C ALA B 219 -0.35 -10.95 -15.68
N THR B 220 -0.36 -9.97 -14.76
CA THR B 220 -1.32 -9.98 -13.65
C THR B 220 -1.98 -8.61 -13.50
N ARG B 221 -3.28 -8.64 -13.22
CA ARG B 221 -4.02 -7.49 -12.71
C ARG B 221 -4.82 -7.91 -11.49
N LEU B 222 -5.01 -6.97 -10.58
CA LEU B 222 -5.92 -7.14 -9.46
C LEU B 222 -7.27 -6.53 -9.79
N PHE B 223 -8.32 -7.17 -9.28
CA PHE B 223 -9.70 -6.71 -9.48
C PHE B 223 -10.43 -6.71 -8.15
N ARG B 224 -11.43 -5.84 -8.05
CA ARG B 224 -12.38 -5.94 -6.94
C ARG B 224 -13.55 -6.79 -7.40
N ALA B 225 -13.78 -7.89 -6.68
CA ALA B 225 -14.84 -8.81 -7.02
C ALA B 225 -16.20 -8.17 -6.77
N PRO B 226 -17.24 -8.61 -7.48
CA PRO B 226 -18.61 -8.24 -7.08
C PRO B 226 -18.80 -8.53 -5.61
N GLU B 227 -19.50 -7.63 -4.91
CA GLU B 227 -19.50 -7.66 -3.44
C GLU B 227 -19.99 -9.00 -2.92
N ALA B 228 -21.03 -9.57 -3.54
CA ALA B 228 -21.58 -10.83 -3.04
C ALA B 228 -20.66 -12.02 -3.28
N ALA B 229 -19.70 -11.90 -4.20
CA ALA B 229 -18.75 -12.97 -4.49
C ALA B 229 -17.45 -12.82 -3.73
N ALA B 230 -17.43 -11.99 -2.67
CA ALA B 230 -16.17 -11.75 -1.94
C ALA B 230 -15.72 -12.95 -1.12
N THR B 231 -16.62 -13.89 -0.84
CA THR B 231 -16.29 -15.13 -0.15
C THR B 231 -16.95 -16.30 -0.85
N ASN B 232 -16.48 -17.50 -0.54
CA ASN B 232 -17.01 -18.75 -1.09
CA ASN B 232 -17.04 -18.74 -1.08
C ASN B 232 -17.07 -18.72 -2.61
N PHE B 233 -16.10 -18.05 -3.22
CA PHE B 233 -16.03 -18.09 -4.68
C PHE B 233 -14.93 -19.05 -5.11
N PRO B 234 -15.11 -19.80 -6.20
CA PRO B 234 -14.15 -20.83 -6.57
C PRO B 234 -12.86 -20.28 -7.18
N LEU B 235 -11.82 -21.10 -7.07
CA LEU B 235 -10.62 -20.88 -7.87
C LEU B 235 -10.94 -21.26 -9.31
N VAL B 236 -10.67 -20.35 -10.25
CA VAL B 236 -11.04 -20.56 -11.64
C VAL B 236 -9.79 -20.59 -12.49
N SER B 237 -9.63 -21.64 -13.29
CA SER B 237 -8.43 -21.72 -14.13
C SER B 237 -8.75 -22.32 -15.49
N VAL B 238 -8.11 -21.77 -16.50
CA VAL B 238 -8.21 -22.26 -17.86
C VAL B 238 -6.80 -22.61 -18.27
N HIS B 239 -6.55 -23.89 -18.53
CA HIS B 239 -5.20 -24.41 -18.71
C HIS B 239 -4.84 -24.58 -20.19
N ALA B 240 -3.55 -24.51 -20.47
CA ALA B 240 -3.08 -24.85 -21.81
C ALA B 240 -3.23 -26.35 -22.05
N ASP B 241 -3.25 -26.72 -23.33
CA ASP B 241 -3.18 -28.13 -23.73
C ASP B 241 -1.72 -28.41 -24.07
N HIS B 242 -1.00 -29.01 -23.12
CA HIS B 242 0.43 -29.27 -23.31
C HIS B 242 0.71 -30.24 -24.45
N ARG B 243 -0.30 -30.96 -24.94
CA ARG B 243 -0.10 -31.90 -26.04
C ARG B 243 -0.28 -31.25 -27.40
N ALA B 244 -0.79 -30.02 -27.45
CA ALA B 244 -1.01 -29.34 -28.71
C ALA B 244 0.25 -28.57 -29.08
N GLY B 245 0.74 -28.78 -30.29
CA GLY B 245 1.97 -28.13 -30.70
C GLY B 245 1.78 -26.66 -30.99
N ARG B 246 1.28 -25.92 -30.02
CA ARG B 246 1.06 -24.48 -30.13
C ARG B 246 1.50 -23.88 -28.80
N PRO B 247 1.77 -22.57 -28.76
CA PRO B 247 2.16 -21.96 -27.49
C PRO B 247 1.12 -22.23 -26.41
N GLY B 248 1.60 -22.54 -25.20
CA GLY B 248 0.70 -22.81 -24.10
C GLY B 248 0.30 -21.56 -23.34
N CYS B 249 -1.01 -21.28 -23.25
CA CYS B 249 -1.53 -20.10 -22.59
C CYS B 249 -2.53 -20.50 -21.52
N ASN B 250 -2.49 -19.80 -20.39
CA ASN B 250 -3.34 -20.13 -19.24
C ASN B 250 -3.92 -18.84 -18.69
N ALA B 251 -5.02 -18.98 -17.95
CA ALA B 251 -5.62 -17.87 -17.23
C ALA B 251 -6.09 -18.40 -15.90
N VAL B 252 -5.78 -17.66 -14.83
CA VAL B 252 -6.11 -18.08 -13.48
C VAL B 252 -6.77 -16.91 -12.76
N LEU B 253 -7.89 -17.18 -12.10
CA LEU B 253 -8.59 -16.19 -11.29
C LEU B 253 -8.69 -16.75 -9.89
N MET B 254 -8.09 -16.05 -8.93
CA MET B 254 -8.02 -16.56 -7.57
C MET B 254 -8.53 -15.53 -6.58
N PRO B 255 -9.47 -15.89 -5.72
CA PRO B 255 -9.89 -14.98 -4.65
C PRO B 255 -8.74 -14.71 -3.70
N ILE B 256 -8.65 -13.47 -3.22
CA ILE B 256 -7.72 -13.15 -2.14
C ILE B 256 -8.46 -12.33 -1.09
N GLU B 257 -7.72 -11.89 -0.08
CA GLU B 257 -8.36 -11.22 1.04
C GLU B 257 -8.93 -9.85 0.62
N ASP B 258 -9.85 -9.36 1.44
CA ASP B 258 -10.48 -8.04 1.26
C ASP B 258 -11.21 -7.91 -0.07
N GLY B 259 -11.91 -8.98 -0.45
CA GLY B 259 -12.86 -8.88 -1.55
C GLY B 259 -12.24 -8.66 -2.90
N ARG B 260 -11.01 -9.09 -3.10
CA ARG B 260 -10.33 -8.90 -4.36
C ARG B 260 -10.13 -10.25 -5.05
N TRP B 261 -9.91 -10.15 -6.37
CA TRP B 261 -9.52 -11.28 -7.20
C TRP B 261 -8.17 -10.94 -7.81
N ILE B 262 -7.22 -11.86 -7.74
CA ILE B 262 -5.97 -11.70 -8.48
C ILE B 262 -6.05 -12.58 -9.73
N VAL B 263 -5.74 -11.99 -10.88
CA VAL B 263 -5.93 -12.68 -12.15
C VAL B 263 -4.62 -12.66 -12.90
N THR B 264 -4.06 -13.84 -13.11
CA THR B 264 -2.77 -13.98 -13.77
C THR B 264 -2.96 -14.78 -15.05
N VAL B 265 -2.49 -14.25 -16.17
CA VAL B 265 -2.51 -14.95 -17.44
C VAL B 265 -1.07 -15.17 -17.87
N SER B 266 -0.86 -16.17 -18.73
CA SER B 266 0.49 -16.65 -18.96
C SER B 266 0.56 -17.24 -20.37
N GLY B 267 1.73 -17.14 -20.97
CA GLY B 267 1.91 -17.77 -22.25
C GLY B 267 3.36 -18.10 -22.55
N THR B 268 3.61 -19.25 -23.18
CA THR B 268 4.98 -19.61 -23.56
C THR B 268 5.37 -18.86 -24.83
N ARG B 269 6.60 -19.14 -25.28
CA ARG B 269 7.20 -18.50 -26.45
C ARG B 269 6.26 -18.50 -27.64
N GLY B 270 5.99 -17.29 -28.17
CA GLY B 270 5.05 -17.11 -29.25
C GLY B 270 3.62 -16.83 -28.82
N GLY B 271 3.32 -16.92 -27.53
CA GLY B 271 1.98 -16.69 -27.05
C GLY B 271 1.93 -15.89 -25.78
N GLU B 272 2.97 -15.07 -25.57
CA GLU B 272 3.09 -14.29 -24.34
C GLU B 272 1.97 -13.26 -24.24
N PRO B 273 1.42 -13.05 -23.04
CA PRO B 273 0.38 -12.05 -22.89
C PRO B 273 0.95 -10.66 -23.06
N PRO B 274 0.14 -9.70 -23.50
CA PRO B 274 0.67 -8.35 -23.76
C PRO B 274 0.86 -7.57 -22.47
N ALA B 275 1.46 -6.39 -22.64
CA ALA B 275 1.79 -5.53 -21.52
C ALA B 275 0.72 -4.48 -21.24
N ASP B 276 -0.24 -4.29 -22.13
CA ASP B 276 -1.21 -3.22 -22.02
C ASP B 276 -2.50 -3.71 -21.38
N ASP B 277 -3.19 -2.78 -20.70
CA ASP B 277 -4.40 -3.13 -19.95
C ASP B 277 -5.49 -3.69 -20.85
N GLU B 278 -5.73 -3.06 -22.01
CA GLU B 278 -6.83 -3.52 -22.86
C GLU B 278 -6.53 -4.89 -23.45
N GLY B 279 -5.26 -5.17 -23.75
CA GLY B 279 -4.89 -6.48 -24.25
C GLY B 279 -4.96 -7.58 -23.21
N PHE B 280 -5.00 -7.20 -21.93
CA PHE B 280 -5.12 -8.19 -20.87
C PHE B 280 -6.44 -8.93 -20.95
N ALA B 281 -7.56 -8.18 -20.99
CA ALA B 281 -8.87 -8.83 -21.02
C ALA B 281 -9.09 -9.60 -22.32
N ARG B 282 -8.54 -9.10 -23.44
CA ARG B 282 -8.63 -9.83 -24.69
C ARG B 282 -7.90 -11.16 -24.60
N PHE B 283 -6.74 -11.18 -23.94
CA PHE B 283 -6.01 -12.42 -23.75
C PHE B 283 -6.82 -13.39 -22.88
N ALA B 284 -7.43 -12.87 -21.80
CA ALA B 284 -8.23 -13.70 -20.90
C ALA B 284 -9.45 -14.29 -21.58
N ARG B 285 -9.94 -13.64 -22.63
CA ARG B 285 -11.08 -14.15 -23.40
C ARG B 285 -10.64 -15.04 -24.56
N ASP B 286 -9.72 -14.53 -25.40
CA ASP B 286 -9.39 -15.18 -26.66
C ASP B 286 -7.99 -15.78 -26.73
N GLY B 287 -7.09 -15.42 -25.82
CA GLY B 287 -5.75 -15.99 -25.87
C GLY B 287 -5.65 -17.38 -25.31
N VAL B 288 -6.63 -17.79 -24.49
CA VAL B 288 -6.64 -19.11 -23.86
C VAL B 288 -7.76 -19.95 -24.46
N ARG B 289 -7.90 -21.21 -24.02
CA ARG B 289 -8.76 -22.17 -24.71
C ARG B 289 -10.25 -22.04 -24.39
N HIS B 290 -10.60 -21.32 -23.33
CA HIS B 290 -11.98 -21.04 -22.96
C HIS B 290 -12.03 -19.66 -22.34
N PRO B 291 -13.05 -18.86 -22.62
CA PRO B 291 -13.04 -17.46 -22.19
C PRO B 291 -13.54 -17.19 -20.78
N LEU B 292 -13.78 -18.21 -19.97
CA LEU B 292 -14.48 -18.02 -18.69
C LEU B 292 -13.82 -16.96 -17.81
N VAL B 293 -12.48 -16.97 -17.69
CA VAL B 293 -11.85 -15.97 -16.84
C VAL B 293 -12.08 -14.56 -17.40
N GLY B 294 -12.03 -14.43 -18.73
CA GLY B 294 -12.35 -13.14 -19.34
C GLY B 294 -13.80 -12.73 -19.09
N GLU B 295 -14.71 -13.69 -19.07
CA GLU B 295 -16.11 -13.39 -18.78
C GLU B 295 -16.28 -12.91 -17.35
N LEU B 296 -15.55 -13.51 -16.41
CA LEU B 296 -15.70 -13.16 -15.01
C LEU B 296 -15.06 -11.81 -14.70
N ILE B 297 -13.91 -11.49 -15.29
CA ILE B 297 -13.31 -10.19 -14.95
C ILE B 297 -14.16 -9.05 -15.49
N ALA B 298 -14.98 -9.29 -16.50
CA ALA B 298 -15.91 -8.27 -17.00
C ALA B 298 -17.01 -7.99 -15.95
N ALA B 300 -16.10 -7.54 -12.81
CA ALA B 300 -15.35 -6.99 -11.67
C ALA B 300 -14.79 -5.62 -12.04
N GLN B 301 -14.15 -4.95 -11.07
CA GLN B 301 -13.53 -3.64 -11.28
C GLN B 301 -12.02 -3.77 -11.29
N PRO B 302 -11.32 -3.43 -12.35
CA PRO B 302 -9.85 -3.48 -12.31
C PRO B 302 -9.32 -2.46 -11.32
N LEU B 303 -8.27 -2.86 -10.61
CA LEU B 303 -7.65 -2.00 -9.61
C LEU B 303 -6.21 -1.63 -9.92
N THR B 304 -5.48 -2.49 -10.63
CA THR B 304 -4.07 -2.23 -10.92
C THR B 304 -3.83 -2.40 -12.41
N SER B 305 -2.78 -1.76 -12.91
CA SER B 305 -2.39 -1.98 -14.29
C SER B 305 -1.55 -3.25 -14.39
N VAL B 306 -1.34 -3.70 -15.63
CA VAL B 306 -0.74 -5.01 -15.87
C VAL B 306 0.69 -5.04 -15.35
N GLU B 307 1.01 -6.06 -14.56
CA GLU B 307 2.38 -6.33 -14.15
C GLU B 307 2.82 -7.63 -14.79
N ARG B 308 4.02 -7.66 -15.38
CA ARG B 308 4.48 -8.85 -16.06
C ARG B 308 5.68 -9.46 -15.34
N SER B 309 5.95 -10.73 -15.63
CA SER B 309 7.13 -11.39 -15.07
C SER B 309 7.58 -12.49 -16.02
N ARG B 310 8.89 -12.60 -16.16
CA ARG B 310 9.53 -13.63 -16.97
C ARG B 310 10.33 -14.60 -16.12
N SER B 311 10.20 -14.52 -14.78
CA SER B 311 10.94 -15.40 -13.87
C SER B 311 10.20 -16.73 -13.81
N THR B 312 10.25 -17.45 -14.93
CA THR B 312 9.41 -18.63 -15.09
C THR B 312 10.17 -19.87 -15.51
N VAL B 313 11.49 -19.80 -15.66
CA VAL B 313 12.25 -20.97 -16.09
C VAL B 313 12.29 -21.98 -14.96
N ASN B 314 12.18 -23.27 -15.31
CA ASN B 314 12.56 -24.33 -14.38
C ASN B 314 14.07 -24.39 -14.36
N ARG B 315 14.68 -24.09 -13.23
CA ARG B 315 16.13 -24.13 -13.15
C ARG B 315 16.53 -24.80 -11.84
N ARG B 316 17.53 -25.67 -11.92
CA ARG B 316 17.95 -26.46 -10.78
C ARG B 316 19.47 -26.52 -10.75
N LEU B 317 20.07 -26.40 -9.57
CA LEU B 317 21.51 -26.52 -9.40
C LEU B 317 21.81 -27.76 -8.57
N HIS B 318 22.56 -28.70 -9.16
CA HIS B 318 22.79 -30.00 -8.51
C HIS B 318 23.96 -29.92 -7.53
N TYR B 319 23.75 -29.11 -6.50
CA TYR B 319 24.72 -28.97 -5.42
C TYR B 319 24.99 -30.29 -4.74
N ASP B 320 23.96 -31.15 -4.65
CA ASP B 320 24.10 -32.43 -3.97
C ASP B 320 25.04 -33.37 -4.70
N ARG B 321 25.32 -33.12 -5.97
CA ARG B 321 26.19 -33.99 -6.75
C ARG B 321 27.60 -33.42 -6.92
N LEU B 322 27.91 -32.31 -6.26
CA LEU B 322 29.28 -31.79 -6.34
C LEU B 322 30.25 -32.80 -5.76
N ALA B 323 31.47 -32.82 -6.32
CA ALA B 323 32.48 -33.75 -5.84
C ALA B 323 32.88 -33.44 -4.40
N THR B 324 32.95 -32.15 -4.05
CA THR B 324 33.25 -31.74 -2.68
C THR B 324 32.15 -30.79 -2.21
N TRP B 325 31.83 -30.87 -0.92
CA TRP B 325 30.80 -30.02 -0.34
C TRP B 325 31.25 -29.67 1.07
N PRO B 326 31.09 -28.42 1.50
CA PRO B 326 31.56 -28.05 2.83
C PRO B 326 30.61 -28.53 3.91
N GLU B 327 31.19 -28.95 5.03
CA GLU B 327 30.37 -29.15 6.22
C GLU B 327 29.70 -27.82 6.61
N GLY B 328 28.50 -27.93 7.18
CA GLY B 328 27.83 -26.75 7.71
C GLY B 328 27.22 -25.82 6.68
N LEU B 329 26.99 -26.28 5.45
CA LEU B 329 26.36 -25.43 4.44
C LEU B 329 25.24 -26.18 3.73
N VAL B 330 24.06 -25.57 3.64
CA VAL B 330 22.92 -26.15 2.96
C VAL B 330 22.24 -25.06 2.13
N VAL B 331 21.74 -25.42 0.95
CA VAL B 331 21.03 -24.49 0.08
C VAL B 331 19.64 -25.07 -0.13
N LEU B 332 18.60 -24.25 0.06
CA LEU B 332 17.25 -24.76 -0.19
C LEU B 332 16.31 -23.65 -0.60
N GLY B 333 15.18 -24.05 -1.14
CA GLY B 333 14.25 -23.13 -1.73
C GLY B 333 14.60 -22.87 -3.18
N ASP B 334 14.11 -21.73 -3.69
CA ASP B 334 14.40 -21.35 -5.08
C ASP B 334 15.90 -21.23 -5.34
N ALA B 335 16.70 -21.10 -4.29
CA ALA B 335 18.16 -21.00 -4.50
C ALA B 335 18.74 -22.29 -5.05
N VAL B 336 18.11 -23.43 -4.81
CA VAL B 336 18.60 -24.70 -5.34
C VAL B 336 17.73 -25.21 -6.49
N ALA B 337 16.42 -24.99 -6.42
CA ALA B 337 15.53 -25.45 -7.47
C ALA B 337 14.35 -24.50 -7.57
N ALA B 338 14.13 -23.95 -8.75
CA ALA B 338 13.04 -23.02 -9.00
C ALA B 338 12.25 -23.52 -10.20
N PHE B 339 10.95 -23.26 -10.18
CA PHE B 339 10.03 -23.89 -11.12
C PHE B 339 9.22 -22.85 -11.87
N ASN B 340 8.74 -23.27 -13.03
CA ASN B 340 7.72 -22.50 -13.74
C ASN B 340 6.50 -22.35 -12.85
N PRO B 341 6.09 -21.13 -12.49
CA PRO B 341 5.06 -20.96 -11.44
C PRO B 341 3.65 -21.37 -11.84
N VAL B 342 3.37 -21.60 -13.12
CA VAL B 342 2.01 -21.99 -13.50
C VAL B 342 1.57 -23.26 -12.80
N TYR B 343 2.50 -24.10 -12.36
CA TYR B 343 2.12 -25.32 -11.65
C TYR B 343 1.92 -25.06 -10.16
N GLY B 344 2.43 -23.95 -9.65
CA GLY B 344 2.13 -23.51 -8.29
C GLY B 344 2.77 -24.33 -7.19
N HIS B 345 3.97 -24.84 -7.41
CA HIS B 345 4.60 -25.74 -6.43
C HIS B 345 5.71 -25.12 -5.59
N GLY B 346 6.22 -23.93 -5.95
CA GLY B 346 7.46 -23.46 -5.34
C GLY B 346 7.43 -23.41 -3.82
N MET B 347 6.36 -22.85 -3.24
CA MET B 347 6.34 -22.70 -1.79
C MET B 347 6.24 -24.06 -1.10
N SER B 348 5.54 -25.00 -1.72
CA SER B 348 5.36 -26.32 -1.15
C SER B 348 6.62 -27.14 -1.30
N ALA B 349 7.36 -26.95 -2.38
CA ALA B 349 8.65 -27.61 -2.54
C ALA B 349 9.65 -27.13 -1.49
N ALA B 350 9.67 -25.81 -1.23
CA ALA B 350 10.52 -25.29 -0.18
C ALA B 350 10.15 -25.89 1.18
N ALA B 351 8.86 -25.99 1.47
CA ALA B 351 8.42 -26.55 2.75
C ALA B 351 8.84 -28.01 2.89
N HIS B 352 8.68 -28.80 1.84
CA HIS B 352 9.16 -30.18 1.85
C HIS B 352 10.66 -30.24 2.08
N SER B 353 11.41 -29.31 1.48
CA SER B 353 12.85 -29.22 1.69
C SER B 353 13.19 -28.92 3.14
N VAL B 354 12.46 -28.03 3.79
CA VAL B 354 12.72 -27.74 5.20
C VAL B 354 12.56 -29.00 6.02
N LEU B 355 11.51 -29.79 5.74
CA LEU B 355 11.34 -31.04 6.48
C LEU B 355 12.45 -32.03 6.17
N ALA B 356 13.00 -32.00 4.94
CA ALA B 356 14.14 -32.87 4.63
C ALA B 356 15.36 -32.53 5.49
N LEU B 357 15.65 -31.24 5.64
CA LEU B 357 16.72 -30.83 6.55
C LEU B 357 16.43 -31.25 7.97
N ARG B 358 15.17 -31.09 8.42
CA ARG B 358 14.82 -31.49 9.77
C ARG B 358 15.07 -32.98 9.97
N SER B 359 14.69 -33.79 8.99
CA SER B 359 14.90 -35.24 9.08
C SER B 359 16.35 -35.58 9.26
N GLN B 360 17.23 -34.93 8.50
CA GLN B 360 18.65 -35.25 8.61
C GLN B 360 19.24 -34.74 9.92
N LEU B 361 18.79 -33.57 10.38
CA LEU B 361 19.20 -33.11 11.70
C LEU B 361 18.80 -34.11 12.77
N GLY B 362 17.59 -34.67 12.65
CA GLY B 362 17.14 -35.64 13.64
C GLY B 362 17.95 -36.91 13.60
N GLN B 363 18.52 -37.25 12.44
CA GLN B 363 19.28 -38.47 12.26
C GLN B 363 20.76 -38.32 12.62
N ARG B 364 21.37 -37.21 12.23
CA ARG B 364 22.81 -37.05 12.30
C ARG B 364 23.26 -35.93 13.22
N ALA B 365 22.35 -35.16 13.80
CA ALA B 365 22.66 -33.99 14.64
C ALA B 365 23.62 -33.13 13.83
N PHE B 366 24.78 -32.74 14.38
CA PHE B 366 25.71 -31.90 13.64
C PHE B 366 27.03 -32.61 13.36
N GLN B 367 26.98 -33.93 13.21
CA GLN B 367 28.16 -34.70 12.86
C GLN B 367 28.63 -34.32 11.45
N PRO B 368 29.89 -34.60 11.12
CA PRO B 368 30.30 -34.43 9.73
C PRO B 368 29.46 -35.32 8.83
N GLY B 369 29.05 -34.77 7.71
CA GLY B 369 28.12 -35.42 6.83
C GLY B 369 26.71 -34.88 6.87
N LEU B 370 26.37 -34.07 7.89
CA LEU B 370 25.02 -33.50 7.97
C LEU B 370 24.70 -32.68 6.72
N ALA B 371 25.56 -31.73 6.38
CA ALA B 371 25.25 -30.82 5.28
C ALA B 371 25.09 -31.58 3.97
N ARG B 372 26.03 -32.51 3.69
CA ARG B 372 25.92 -33.29 2.46
C ARG B 372 24.65 -34.13 2.45
N ALA B 373 24.34 -34.78 3.58
CA ALA B 373 23.14 -35.61 3.66
C ALA B 373 21.88 -34.77 3.49
N ALA B 374 21.86 -33.59 4.09
CA ALA B 374 20.69 -32.70 3.90
C ALA B 374 20.58 -32.28 2.45
N GLN B 375 21.70 -31.92 1.82
CA GLN B 375 21.63 -31.47 0.44
C GLN B 375 21.10 -32.58 -0.47
N ARG B 376 21.51 -33.82 -0.24
CA ARG B 376 20.97 -34.93 -1.00
C ARG B 376 19.48 -35.13 -0.73
N ALA B 377 19.08 -35.00 0.53
CA ALA B 377 17.67 -35.16 0.89
C ALA B 377 16.81 -34.04 0.32
N ILE B 378 17.39 -32.84 0.19
CA ILE B 378 16.67 -31.73 -0.41
C ILE B 378 16.44 -31.97 -1.89
N ALA B 379 17.44 -32.54 -2.56
CA ALA B 379 17.25 -32.90 -3.97
C ALA B 379 16.12 -33.90 -4.15
N VAL B 380 16.02 -34.87 -3.22
CA VAL B 380 14.90 -35.80 -3.27
C VAL B 380 13.59 -35.06 -3.04
N ALA B 381 13.58 -34.12 -2.08
CA ALA B 381 12.36 -33.45 -1.68
C ALA B 381 11.74 -32.62 -2.80
N VAL B 382 12.55 -32.03 -3.68
CA VAL B 382 12.00 -31.18 -4.75
C VAL B 382 11.72 -31.95 -6.03
N ASP B 383 12.04 -33.25 -6.07
CA ASP B 383 12.08 -33.97 -7.33
C ASP B 383 10.70 -34.08 -7.97
N ASP B 384 9.66 -34.29 -7.16
CA ASP B 384 8.31 -34.43 -7.71
C ASP B 384 7.85 -33.13 -8.34
N ALA B 385 8.01 -32.01 -7.62
CA ALA B 385 7.68 -30.71 -8.20
C ALA B 385 8.49 -30.47 -9.47
N TRP B 386 9.78 -30.87 -9.46
CA TRP B 386 10.62 -30.66 -10.62
C TRP B 386 10.11 -31.47 -11.82
N VAL B 387 9.78 -32.73 -11.60
CA VAL B 387 9.34 -33.58 -12.69
C VAL B 387 7.98 -33.12 -13.23
N LEU B 388 7.05 -32.76 -12.34
CA LEU B 388 5.73 -32.32 -12.78
C LEU B 388 5.83 -31.10 -13.68
N ALA B 389 6.66 -30.13 -13.30
CA ALA B 389 6.73 -28.90 -14.08
C ALA B 389 7.47 -29.14 -15.40
N THR B 390 8.63 -29.79 -15.34
CA THR B 390 9.44 -29.91 -16.53
C THR B 390 8.79 -30.86 -17.54
N SER B 391 8.14 -31.92 -17.06
CA SER B 391 7.54 -32.85 -18.02
C SER B 391 6.41 -32.20 -18.81
N HIS B 392 5.75 -31.18 -18.24
CA HIS B 392 4.68 -30.55 -19.00
C HIS B 392 5.16 -29.35 -19.80
N ASP B 393 6.32 -28.80 -19.48
CA ASP B 393 6.86 -27.70 -20.25
C ASP B 393 7.68 -28.16 -21.44
N ILE B 394 8.36 -29.29 -21.34
CA ILE B 394 9.38 -29.70 -22.37
C ILE B 394 8.83 -29.75 -23.79
N GLY B 395 7.54 -29.94 -23.87
CA GLY B 395 6.88 -30.16 -25.15
C GLY B 395 6.43 -28.92 -25.88
N TYR B 396 6.45 -27.75 -25.25
CA TYR B 396 5.93 -26.55 -25.91
C TYR B 396 6.86 -26.12 -27.04
N PRO B 397 6.32 -25.48 -28.09
CA PRO B 397 7.16 -25.03 -29.20
C PRO B 397 8.27 -24.09 -28.74
N GLY B 398 9.48 -24.33 -29.25
CA GLY B 398 10.61 -23.47 -28.94
C GLY B 398 11.17 -23.63 -27.54
N CYS B 399 10.77 -24.67 -26.82
CA CYS B 399 11.32 -24.90 -25.49
C CYS B 399 12.81 -25.16 -25.56
N ARG B 400 13.55 -24.55 -24.64
CA ARG B 400 15.00 -24.72 -24.51
C ARG B 400 15.29 -25.60 -23.31
N THR B 401 16.14 -26.59 -23.48
CA THR B 401 16.42 -27.48 -22.36
C THR B 401 17.91 -27.67 -22.22
N GLN B 402 18.31 -27.93 -20.99
CA GLN B 402 19.68 -28.33 -20.68
C GLN B 402 19.52 -29.32 -19.53
N THR B 403 19.58 -30.61 -19.84
CA THR B 403 19.30 -31.63 -18.84
C THR B 403 19.95 -32.92 -19.30
N ARG B 404 20.32 -33.73 -18.31
CA ARG B 404 20.81 -35.09 -18.54
C ARG B 404 19.87 -36.12 -17.91
N ASP B 405 18.69 -35.70 -17.50
CA ASP B 405 17.72 -36.58 -16.86
C ASP B 405 16.98 -37.38 -17.91
N PRO B 406 17.15 -38.71 -17.96
CA PRO B 406 16.45 -39.48 -19.01
C PRO B 406 14.93 -39.48 -18.86
N ARG B 407 14.40 -39.13 -17.69
CA ARG B 407 12.95 -39.02 -17.55
C ARG B 407 12.37 -37.88 -18.39
N LEU B 408 13.17 -36.88 -18.70
CA LEU B 408 12.69 -35.77 -19.54
C LEU B 408 12.97 -35.96 -21.00
N THR B 409 13.95 -36.77 -21.34
CA THR B 409 14.41 -36.88 -22.71
C THR B 409 14.27 -38.26 -23.33
N ARG B 410 14.39 -39.33 -22.54
CA ARG B 410 14.40 -40.68 -23.07
C ARG B 410 13.15 -41.39 -22.58
N HIS B 411 12.30 -41.80 -23.53
CA HIS B 411 10.98 -42.33 -23.21
C HIS B 411 10.15 -41.33 -22.39
N ALA B 412 10.37 -40.02 -22.63
CA ALA B 412 9.51 -39.02 -22.02
C ALA B 412 8.07 -39.18 -22.50
N GLY B 413 7.91 -39.71 -23.72
CA GLY B 413 6.58 -39.96 -24.24
C GLY B 413 5.82 -40.98 -23.44
N GLU B 414 6.51 -42.06 -23.03
CA GLU B 414 5.83 -43.10 -22.26
C GLU B 414 5.47 -42.60 -20.86
N ARG B 415 6.28 -41.71 -20.29
CA ARG B 415 5.85 -41.00 -19.09
C ARG B 415 4.70 -40.05 -19.40
N GLN B 416 4.75 -39.41 -20.58
CA GLN B 416 3.67 -38.50 -20.97
C GLN B 416 2.38 -39.27 -21.24
N ARG B 417 2.48 -40.45 -21.86
CA ARG B 417 1.28 -41.23 -22.13
C ARG B 417 0.61 -41.68 -20.84
N VAL B 418 1.41 -42.00 -19.83
CA VAL B 418 0.85 -42.36 -18.52
C VAL B 418 0.22 -41.14 -17.85
N THR B 419 0.94 -40.02 -17.85
CA THR B 419 0.40 -38.79 -17.28
C THR B 419 -0.92 -38.41 -17.95
N ASP B 420 -0.97 -38.50 -19.28
CA ASP B 420 -2.15 -38.01 -20.00
C ASP B 420 -3.36 -38.90 -19.76
N LEU B 421 -3.15 -40.21 -19.64
CA LEU B 421 -4.27 -41.10 -19.35
C LEU B 421 -4.81 -40.87 -17.94
N VAL B 422 -3.91 -40.68 -16.96
CA VAL B 422 -4.35 -40.28 -15.62
C VAL B 422 -5.04 -38.93 -15.66
N GLY B 423 -4.46 -37.97 -16.39
CA GLY B 423 -5.03 -36.64 -16.43
C GLY B 423 -6.42 -36.61 -17.05
N LEU B 424 -6.60 -37.37 -18.14
CA LEU B 424 -7.91 -37.47 -18.78
C LEU B 424 -8.92 -38.17 -17.87
N THR B 425 -8.53 -39.28 -17.25
CA THR B 425 -9.49 -40.01 -16.44
C THR B 425 -9.82 -39.27 -15.16
N ALA B 426 -8.89 -38.46 -14.65
CA ALA B 426 -9.14 -37.71 -13.42
C ALA B 426 -10.29 -36.72 -13.58
N THR B 427 -10.48 -36.17 -14.78
CA THR B 427 -11.57 -35.21 -14.94
C THR B 427 -12.93 -35.85 -14.72
N ARG B 428 -13.04 -37.18 -14.82
CA ARG B 428 -14.36 -37.79 -14.78
C ARG B 428 -14.44 -39.01 -13.87
N ASN B 429 -13.44 -39.24 -13.02
CA ASN B 429 -13.39 -40.41 -12.13
C ASN B 429 -12.90 -39.96 -10.77
N GLN B 430 -13.70 -40.20 -9.72
CA GLN B 430 -13.39 -39.63 -8.42
C GLN B 430 -12.14 -40.26 -7.81
N VAL B 431 -11.96 -41.58 -7.98
CA VAL B 431 -10.79 -42.23 -7.39
C VAL B 431 -9.52 -41.78 -8.09
N VAL B 432 -9.54 -41.69 -9.42
CA VAL B 432 -8.33 -41.20 -10.10
C VAL B 432 -8.07 -39.76 -9.71
N ASN B 433 -9.13 -38.94 -9.66
CA ASN B 433 -8.94 -37.54 -9.28
C ASN B 433 -8.33 -37.40 -7.89
N ARG B 434 -8.81 -38.18 -6.92
CA ARG B 434 -8.23 -38.09 -5.58
C ARG B 434 -6.74 -38.37 -5.59
N ALA B 435 -6.30 -39.39 -6.34
CA ALA B 435 -4.88 -39.70 -6.40
C ALA B 435 -4.11 -38.62 -7.15
N ALA B 436 -4.69 -38.12 -8.25
CA ALA B 436 -4.01 -37.09 -9.03
C ALA B 436 -3.83 -35.80 -8.23
N VAL B 437 -4.86 -35.39 -7.48
CA VAL B 437 -4.74 -34.13 -6.73
C VAL B 437 -3.86 -34.34 -5.50
N ALA B 438 -3.82 -35.55 -4.93
CA ALA B 438 -2.85 -35.80 -3.88
C ALA B 438 -1.43 -35.58 -4.39
N LEU B 439 -1.13 -36.06 -5.59
CA LEU B 439 0.19 -35.84 -6.16
C LEU B 439 0.40 -34.38 -6.52
N ASN B 440 -0.60 -33.75 -7.16
CA ASN B 440 -0.38 -32.41 -7.70
C ASN B 440 -0.25 -31.35 -6.61
N THR B 441 -0.83 -31.59 -5.44
CA THR B 441 -0.67 -30.71 -4.28
C THR B 441 0.57 -31.05 -3.47
N LEU B 442 1.39 -31.99 -3.95
CA LEU B 442 2.56 -32.51 -3.23
C LEU B 442 2.16 -33.07 -1.87
N SER B 443 0.98 -33.66 -1.79
CA SER B 443 0.55 -34.41 -0.63
C SER B 443 0.93 -35.89 -0.71
N ALA B 444 1.34 -36.37 -1.89
CA ALA B 444 1.78 -37.74 -2.09
C ALA B 444 2.88 -37.73 -3.14
N GLY B 445 3.69 -38.81 -3.13
CA GLY B 445 4.80 -38.91 -4.04
C GLY B 445 4.43 -39.45 -5.42
N MET B 446 5.37 -39.32 -6.35
CA MET B 446 5.12 -39.72 -7.73
C MET B 446 4.77 -41.20 -7.85
N ALA B 447 5.33 -42.04 -6.99
CA ALA B 447 5.10 -43.48 -7.06
C ALA B 447 3.65 -43.83 -6.75
N SER B 448 3.00 -43.08 -5.87
CA SER B 448 1.56 -43.15 -5.60
C SER B 448 0.71 -43.51 -6.83
N MET B 449 1.02 -42.91 -7.97
CA MET B 449 0.19 -43.10 -9.16
C MET B 449 0.39 -44.48 -9.79
N GLN B 450 1.47 -45.18 -9.45
CA GLN B 450 1.69 -46.54 -9.93
C GLN B 450 1.03 -47.57 -9.03
N ASP B 451 0.27 -47.13 -8.03
CA ASP B 451 -0.43 -48.06 -7.17
C ASP B 451 -1.46 -48.84 -7.99
N PRO B 452 -1.55 -50.16 -7.84
CA PRO B 452 -2.47 -50.93 -8.69
C PRO B 452 -3.90 -50.45 -8.65
N ALA B 453 -4.41 -50.04 -7.48
CA ALA B 453 -5.78 -49.57 -7.38
C ALA B 453 -6.00 -48.28 -8.15
N VAL B 454 -5.00 -47.40 -8.21
CA VAL B 454 -5.18 -46.18 -8.99
C VAL B 454 -5.24 -46.52 -10.47
N MET B 455 -4.30 -47.34 -10.94
CA MET B 455 -4.33 -47.73 -12.35
C MET B 455 -5.55 -48.57 -12.69
N ALA B 456 -6.11 -49.27 -11.70
CA ALA B 456 -7.36 -49.98 -11.91
C ALA B 456 -8.52 -49.01 -12.12
N ALA B 457 -8.57 -47.94 -11.31
CA ALA B 457 -9.60 -46.92 -11.52
C ALA B 457 -9.43 -46.22 -12.86
N VAL B 458 -8.18 -45.99 -13.27
CA VAL B 458 -7.92 -45.39 -14.57
C VAL B 458 -8.55 -46.25 -15.66
N ARG B 459 -8.40 -47.57 -15.57
CA ARG B 459 -8.96 -48.45 -16.59
C ARG B 459 -10.48 -48.54 -16.49
N ARG B 460 -11.06 -48.33 -15.31
CA ARG B 460 -12.51 -48.31 -15.21
C ARG B 460 -13.11 -47.10 -15.92
N GLY B 461 -12.34 -46.03 -16.08
CA GLY B 461 -12.78 -44.92 -16.90
C GLY B 461 -13.74 -43.99 -16.20
N PRO B 462 -14.43 -43.17 -17.00
CA PRO B 462 -15.31 -42.14 -16.42
C PRO B 462 -16.51 -42.71 -15.69
N GLU B 463 -16.84 -42.07 -14.58
CA GLU B 463 -18.06 -42.35 -13.83
C GLU B 463 -19.10 -41.25 -13.99
N VAL B 464 -18.73 -40.12 -14.56
CA VAL B 464 -19.67 -39.02 -14.82
C VAL B 464 -19.46 -38.55 -16.25
N PRO B 465 -20.47 -37.92 -16.84
CA PRO B 465 -20.27 -37.35 -18.17
C PRO B 465 -19.29 -36.19 -18.14
N ALA B 466 -18.66 -35.97 -19.28
CA ALA B 466 -17.81 -34.79 -19.41
C ALA B 466 -18.68 -33.54 -19.35
N PRO B 467 -18.41 -32.59 -18.45
CA PRO B 467 -19.18 -31.35 -18.44
C PRO B 467 -19.11 -30.68 -19.81
N THR B 468 -20.24 -30.14 -20.25
CA THR B 468 -20.31 -29.45 -21.53
C THR B 468 -20.23 -27.94 -21.37
N GLU B 469 -20.19 -27.45 -20.14
CA GLU B 469 -20.11 -26.03 -19.83
C GLU B 469 -19.31 -25.90 -18.54
N PRO B 470 -18.80 -24.71 -18.22
CA PRO B 470 -18.10 -24.52 -16.95
C PRO B 470 -18.93 -25.04 -15.80
N PRO B 471 -18.38 -25.94 -14.97
CA PRO B 471 -19.18 -26.50 -13.86
C PRO B 471 -19.36 -25.51 -12.71
N LEU B 472 -19.98 -24.39 -13.02
CA LEU B 472 -20.28 -23.38 -12.03
C LEU B 472 -21.61 -23.70 -11.36
N ARG B 473 -21.70 -23.38 -10.07
CA ARG B 473 -22.96 -23.56 -9.36
C ARG B 473 -23.86 -22.35 -9.57
N PRO B 474 -25.18 -22.55 -9.64
CA PRO B 474 -26.08 -21.40 -9.72
C PRO B 474 -25.87 -20.39 -8.61
N ASP B 475 -25.65 -20.85 -7.38
CA ASP B 475 -25.46 -19.87 -6.30
C ASP B 475 -24.12 -19.15 -6.38
N GLU B 476 -23.18 -19.65 -7.19
CA GLU B 476 -21.94 -18.90 -7.42
C GLU B 476 -22.14 -17.78 -8.43
N VAL B 477 -22.80 -18.07 -9.55
CA VAL B 477 -22.99 -17.04 -10.56
C VAL B 477 -24.00 -16.01 -10.10
N ALA B 478 -24.94 -16.39 -9.24
CA ALA B 478 -25.89 -15.43 -8.70
C ALA B 478 -25.20 -14.29 -7.98
N ARG B 479 -24.03 -14.55 -7.40
CA ARG B 479 -23.34 -13.54 -6.62
C ARG B 479 -22.45 -12.67 -7.48
N LEU B 480 -22.50 -12.83 -8.81
CA LEU B 480 -21.75 -11.96 -9.70
C LEU B 480 -22.48 -10.64 -9.98
N VAL B 481 -23.73 -10.52 -9.53
CA VAL B 481 -24.47 -9.26 -9.65
C VAL B 481 -25.00 -8.90 -8.27
N SER B 482 -25.31 -7.62 -8.09
CA SER B 482 -25.80 -7.13 -6.80
C SER B 482 -27.31 -7.19 -6.67
N GLY B 483 -28.05 -7.01 -7.77
CA GLY B 483 -29.48 -6.79 -7.70
C GLY B 483 -29.87 -5.39 -7.30
N ALA B 484 -28.91 -4.45 -7.28
CA ALA B 484 -29.14 -3.13 -6.70
C ALA B 484 -30.19 -2.32 -7.48
N GLY B 485 -30.06 -2.27 -8.81
CA GLY B 485 -30.96 -1.44 -9.62
C GLY B 485 -32.35 -2.00 -9.86
N VAL B 486 -32.85 -2.80 -8.92
CA VAL B 486 -34.11 -3.52 -9.07
C VAL B 486 -34.97 -3.24 -7.84
N THR B 487 -36.16 -2.71 -8.06
CA THR B 487 -37.09 -2.50 -6.95
C THR B 487 -37.74 -3.83 -6.58
#